data_4CNB
#
_entry.id   4CNB
#
_cell.length_a   62.010
_cell.length_b   62.280
_cell.length_c   122.560
_cell.angle_alpha   90.00
_cell.angle_beta   102.24
_cell.angle_gamma   90.00
#
_symmetry.space_group_name_H-M   'P 1 21 1'
#
loop_
_entity.id
_entity.type
_entity.pdbx_description
1 polymer 'PROXIMAL THREAD MATRIX PROTEIN 1'
2 non-polymer 'SULFATE ION'
3 non-polymer 1,2-ETHANEDIOL
4 water water
#
_entity_poly.entity_id   1
_entity_poly.type   'polypeptide(L)'
_entity_poly.pdbx_seq_one_letter_code
;SMGHHGVMPYKAVPVSYDPPAVAVEPPPYQPAVDPPPYRPGNTGKDAEECDVQADIIVLFDDSSSIQYDNKENYQMMKDF
VKELVDSFTTVGVNGRNGSQFGVVQFSQGVKTAFPLNKFKTKEDIKKGIQDMVPRNGGQTEIGTGLKHVRENSFSGAEGG
GNPDKQKIVILMTDGKSNAGAPPQHEAHKLKAEGVTVIAIGIGQGFVKTELEQIATMKNYVLTTNSFSELSTLLKLVIDL
ACEVCVVDCAGHADIAFVFDASSSINANNPNNYQLMKNFMKDIVDRFNKTGPDGTQFAVVTFADRATKQFGLKDYSSKAD
IKGAIDKVTPSIIGQTAIGDGLENARLEVFPNRNGGGREEVQKVVILLTDGQNNGHKSPEHESSLLRKEGVVIVAIGVGT
GFLKSELINIASSEEYVFTTSSFDKLSKIMEDVVKLACMSCKPRAHKKGSGAIG
;
_entity_poly.pdbx_strand_id   A,B
#
loop_
_chem_comp.id
_chem_comp.type
_chem_comp.name
_chem_comp.formula
EDO non-polymer 1,2-ETHANEDIOL 'C2 H6 O2'
SO4 non-polymer 'SULFATE ION' 'O4 S -2'
#
# COMPACT_ATOMS: atom_id res chain seq x y z
N ALA A 47 1.82 7.97 32.80
CA ALA A 47 1.88 6.53 32.57
C ALA A 47 1.50 6.17 31.13
N GLU A 48 2.39 5.44 30.47
CA GLU A 48 2.29 5.18 29.05
C GLU A 48 2.18 3.68 28.80
N GLU A 49 1.37 3.30 27.80
CA GLU A 49 1.13 1.88 27.47
C GLU A 49 1.55 1.54 26.06
N CYS A 50 1.84 0.26 25.83
CA CYS A 50 2.09 -0.25 24.48
C CYS A 50 1.34 -1.56 24.26
N ASP A 51 0.53 -1.61 23.21
CA ASP A 51 -0.30 -2.77 22.95
C ASP A 51 0.37 -3.75 21.98
N VAL A 52 1.54 -3.40 21.47
CA VAL A 52 2.22 -4.26 20.50
C VAL A 52 2.60 -5.59 21.14
N GLN A 53 2.33 -6.66 20.40
CA GLN A 53 2.76 -8.01 20.76
C GLN A 53 4.26 -8.11 20.50
N ALA A 54 5.02 -8.45 21.53
CA ALA A 54 6.48 -8.42 21.42
C ALA A 54 7.14 -9.45 22.34
N ASP A 55 8.33 -9.90 21.94
CA ASP A 55 9.23 -10.62 22.82
C ASP A 55 10.30 -9.60 23.22
N ILE A 56 10.33 -9.27 24.50
CA ILE A 56 11.20 -8.22 25.02
C ILE A 56 12.32 -8.82 25.87
N ILE A 57 13.55 -8.49 25.50
CA ILE A 57 14.73 -8.94 26.23
C ILE A 57 15.45 -7.73 26.81
N VAL A 58 15.62 -7.73 28.13
CA VAL A 58 16.36 -6.67 28.82
C VAL A 58 17.77 -7.18 29.12
N LEU A 59 18.75 -6.42 28.64
CA LEU A 59 20.15 -6.72 28.85
C LEU A 59 20.61 -5.85 30.03
N PHE A 60 20.84 -6.53 31.14
CA PHE A 60 20.95 -5.92 32.46
C PHE A 60 22.38 -6.01 32.95
N ASP A 61 23.07 -4.86 32.98
CA ASP A 61 24.45 -4.76 33.48
C ASP A 61 24.52 -5.19 34.95
N ASP A 62 25.36 -6.17 35.26
CA ASP A 62 25.59 -6.51 36.67
C ASP A 62 27.04 -6.44 37.08
N SER A 63 27.75 -5.44 36.56
CA SER A 63 29.15 -5.20 36.88
C SER A 63 29.33 -4.61 38.27
N SER A 64 30.46 -4.88 38.91
CA SER A 64 30.72 -4.41 40.27
C SER A 64 30.68 -2.89 40.37
N SER A 65 31.00 -2.20 39.29
CA SER A 65 30.93 -0.74 39.28
C SER A 65 29.53 -0.24 39.68
N ILE A 66 28.49 -1.03 39.43
CA ILE A 66 27.14 -0.65 39.80
C ILE A 66 27.00 -0.60 41.32
N GLN A 67 27.48 -1.64 41.99
CA GLN A 67 27.28 -1.79 43.43
C GLN A 67 28.23 -0.91 44.21
N TYR A 68 29.42 -0.72 43.65
CA TYR A 68 30.41 0.18 44.23
C TYR A 68 29.86 1.60 44.29
N ASP A 69 29.20 2.01 43.22
CA ASP A 69 28.67 3.37 43.13
C ASP A 69 27.58 3.59 44.17
N ASN A 70 26.67 2.64 44.31
CA ASN A 70 25.59 2.75 45.28
C ASN A 70 24.86 1.43 45.58
N LYS A 71 24.72 1.16 46.87
CA LYS A 71 24.08 -0.06 47.37
C LYS A 71 22.67 -0.28 46.82
N GLU A 72 21.99 0.80 46.46
CA GLU A 72 20.59 0.68 46.04
C GLU A 72 20.39 0.72 44.52
N ASN A 73 21.50 0.86 43.78
CA ASN A 73 21.44 0.94 42.32
C ASN A 73 20.71 -0.23 41.69
N TYR A 74 21.00 -1.46 42.14
CA TYR A 74 20.36 -2.63 41.53
C TYR A 74 18.84 -2.62 41.73
N GLN A 75 18.37 -2.17 42.88
CA GLN A 75 16.92 -2.15 43.13
C GLN A 75 16.24 -1.10 42.23
N MET A 76 16.92 0.02 41.99
CA MET A 76 16.40 1.02 41.07
C MET A 76 16.32 0.44 39.65
N MET A 77 17.36 -0.24 39.22
CA MET A 77 17.33 -0.89 37.91
C MET A 77 16.17 -1.88 37.86
N LYS A 78 16.04 -2.68 38.92
CA LYS A 78 14.97 -3.66 39.02
C LYS A 78 13.58 -3.02 38.91
N ASP A 79 13.35 -1.96 39.66
CA ASP A 79 12.04 -1.29 39.64
C ASP A 79 11.76 -0.75 38.24
N PHE A 80 12.76 -0.14 37.62
CA PHE A 80 12.63 0.33 36.26
C PHE A 80 12.15 -0.78 35.34
N VAL A 81 12.76 -1.95 35.44
CA VAL A 81 12.42 -3.07 34.57
C VAL A 81 11.00 -3.55 34.84
N LYS A 82 10.60 -3.57 36.11
CA LYS A 82 9.25 -3.97 36.49
C LYS A 82 8.20 -3.01 35.89
N GLU A 83 8.51 -1.71 35.90
CA GLU A 83 7.63 -0.70 35.33
C GLU A 83 7.46 -0.92 33.83
N LEU A 84 8.53 -1.36 33.17
CA LEU A 84 8.47 -1.68 31.74
C LEU A 84 7.47 -2.79 31.50
N VAL A 85 7.50 -3.78 32.38
CA VAL A 85 6.62 -4.94 32.27
C VAL A 85 5.15 -4.53 32.42
N ASP A 86 4.88 -3.63 33.37
CA ASP A 86 3.53 -3.13 33.61
C ASP A 86 3.02 -2.36 32.40
N SER A 87 3.94 -1.90 31.57
CA SER A 87 3.60 -1.00 30.48
C SER A 87 3.16 -1.72 29.20
N PHE A 88 3.34 -3.03 29.15
CA PHE A 88 2.93 -3.81 27.97
C PHE A 88 1.66 -4.59 28.23
N THR A 89 0.58 -4.15 27.61
CA THR A 89 -0.75 -4.61 27.96
C THR A 89 -1.00 -6.08 27.60
N THR A 90 -0.20 -6.61 26.67
CA THR A 90 -0.38 -8.00 26.22
C THR A 90 0.57 -9.00 26.89
N VAL A 91 1.42 -8.53 27.79
CA VAL A 91 2.23 -9.42 28.61
C VAL A 91 1.33 -10.06 29.68
N GLY A 92 1.01 -11.34 29.51
CA GLY A 92 0.16 -12.03 30.45
C GLY A 92 -1.10 -12.59 29.83
N VAL A 93 -1.20 -12.50 28.50
CA VAL A 93 -2.37 -12.98 27.77
C VAL A 93 -2.06 -14.29 27.05
N GLY A 98 0.12 -12.68 22.81
CA GLY A 98 0.60 -12.67 24.18
C GLY A 98 2.09 -12.37 24.28
N SER A 99 2.42 -11.21 24.86
CA SER A 99 3.82 -10.79 24.93
C SER A 99 4.62 -11.50 26.02
N GLN A 100 5.92 -11.62 25.77
CA GLN A 100 6.82 -12.27 26.70
C GLN A 100 8.00 -11.37 27.07
N PHE A 101 8.63 -11.73 28.18
CA PHE A 101 9.69 -10.92 28.76
C PHE A 101 10.83 -11.80 29.23
N GLY A 102 12.06 -11.37 28.98
CA GLY A 102 13.23 -12.15 29.35
C GLY A 102 14.28 -11.21 29.86
N VAL A 103 15.09 -11.66 30.82
CA VAL A 103 16.16 -10.82 31.34
C VAL A 103 17.47 -11.56 31.31
N VAL A 104 18.49 -10.87 30.81
CA VAL A 104 19.83 -11.42 30.66
C VAL A 104 20.82 -10.50 31.36
N GLN A 105 21.59 -11.08 32.29
CA GLN A 105 22.62 -10.34 33.03
C GLN A 105 23.96 -10.39 32.30
N PHE A 106 24.67 -9.27 32.26
CA PHE A 106 25.98 -9.23 31.63
C PHE A 106 26.95 -8.30 32.36
N SER A 107 28.20 -8.74 32.43
CA SER A 107 29.29 -7.93 32.95
C SER A 107 30.54 -8.72 32.58
N GLN A 108 30.97 -9.58 33.49
CA GLN A 108 31.93 -10.62 33.17
C GLN A 108 31.14 -11.84 32.74
N GLY A 109 31.11 -12.09 31.44
CA GLY A 109 30.27 -13.14 30.89
C GLY A 109 28.80 -12.77 30.96
N VAL A 110 27.94 -13.75 30.68
CA VAL A 110 26.51 -13.52 30.62
C VAL A 110 25.73 -14.61 31.34
N LYS A 111 24.72 -14.21 32.10
CA LYS A 111 23.82 -15.16 32.73
C LYS A 111 22.41 -14.79 32.38
N THR A 112 21.66 -15.74 31.82
CA THR A 112 20.24 -15.54 31.58
C THR A 112 19.47 -15.64 32.88
N ALA A 113 18.91 -14.53 33.35
CA ALA A 113 18.13 -14.58 34.58
C ALA A 113 16.91 -15.47 34.35
N PHE A 114 16.17 -15.20 33.28
CA PHE A 114 15.09 -16.09 32.85
C PHE A 114 14.75 -15.87 31.38
N PRO A 115 14.30 -16.94 30.72
CA PRO A 115 13.94 -16.94 29.30
C PRO A 115 12.53 -16.41 29.05
N LEU A 116 12.26 -15.99 27.82
CA LEU A 116 10.94 -15.50 27.44
C LEU A 116 9.80 -16.42 27.93
N ASN A 117 10.03 -17.73 27.89
CA ASN A 117 8.95 -18.67 28.17
C ASN A 117 8.86 -19.17 29.60
N LYS A 118 9.59 -18.56 30.52
CA LYS A 118 9.56 -19.06 31.91
C LYS A 118 8.28 -18.64 32.62
N PHE A 119 7.95 -17.36 32.52
CA PHE A 119 6.82 -16.81 33.27
C PHE A 119 5.71 -16.38 32.32
N LYS A 120 4.48 -16.38 32.83
CA LYS A 120 3.32 -16.15 31.99
C LYS A 120 2.36 -15.10 32.56
N THR A 121 2.74 -14.46 33.67
CA THR A 121 2.01 -13.30 34.17
C THR A 121 2.95 -12.18 34.57
N LYS A 122 2.45 -10.95 34.55
CA LYS A 122 3.25 -9.81 34.93
C LYS A 122 3.81 -9.93 36.35
N GLU A 123 3.05 -10.52 37.26
CA GLU A 123 3.50 -10.61 38.65
C GLU A 123 4.62 -11.65 38.79
N ASP A 124 4.51 -12.73 38.05
CA ASP A 124 5.56 -13.75 38.07
C ASP A 124 6.83 -13.22 37.40
N ILE A 125 6.68 -12.44 36.35
CA ILE A 125 7.83 -11.82 35.70
C ILE A 125 8.46 -10.82 36.65
N LYS A 126 7.63 -10.01 37.29
CA LYS A 126 8.13 -9.00 38.23
C LYS A 126 8.84 -9.65 39.42
N LYS A 127 8.34 -10.79 39.88
CA LYS A 127 9.02 -11.47 40.98
C LYS A 127 10.34 -12.03 40.49
N GLY A 128 10.34 -12.46 39.22
CA GLY A 128 11.53 -12.98 38.59
C GLY A 128 12.62 -11.93 38.60
N ILE A 129 12.25 -10.71 38.23
CA ILE A 129 13.17 -9.59 38.20
C ILE A 129 13.72 -9.31 39.59
N GLN A 130 12.83 -9.37 40.58
CA GLN A 130 13.20 -9.08 41.95
C GLN A 130 14.15 -10.15 42.49
N ASP A 131 13.96 -11.39 42.08
CA ASP A 131 14.76 -12.50 42.58
C ASP A 131 16.14 -12.59 41.92
N MET A 132 16.42 -11.73 40.96
CA MET A 132 17.70 -11.82 40.27
C MET A 132 18.84 -11.51 41.23
N VAL A 133 19.93 -12.26 41.10
CA VAL A 133 21.15 -11.98 41.86
C VAL A 133 22.24 -11.45 40.94
N PRO A 134 22.52 -10.14 41.01
CA PRO A 134 23.65 -9.61 40.24
C PRO A 134 24.96 -10.27 40.65
N ARG A 135 25.83 -10.53 39.69
CA ARG A 135 27.05 -11.27 39.97
C ARG A 135 28.21 -10.34 40.31
N ASN A 136 28.01 -9.05 40.05
CA ASN A 136 29.06 -8.05 40.21
C ASN A 136 30.36 -8.45 39.53
N GLY A 137 30.29 -8.59 38.22
CA GLY A 137 31.45 -8.97 37.43
C GLY A 137 32.46 -7.85 37.25
N GLY A 138 33.71 -8.22 37.02
CA GLY A 138 34.79 -7.25 36.90
C GLY A 138 35.10 -6.78 35.49
N GLN A 139 34.13 -6.97 34.59
CA GLN A 139 34.27 -6.55 33.18
C GLN A 139 32.91 -6.06 32.69
N THR A 140 32.88 -5.38 31.55
CA THR A 140 31.59 -4.97 30.98
C THR A 140 31.52 -5.44 29.54
N GLU A 141 30.96 -6.63 29.33
CA GLU A 141 31.03 -7.25 28.02
C GLU A 141 29.73 -7.06 27.25
N ILE A 142 29.52 -5.85 26.74
CA ILE A 142 28.29 -5.54 26.02
C ILE A 142 28.11 -6.43 24.78
N GLY A 143 29.13 -6.52 23.95
CA GLY A 143 29.05 -7.32 22.74
C GLY A 143 28.74 -8.78 23.04
N THR A 144 29.34 -9.31 24.11
CA THR A 144 29.10 -10.68 24.51
C THR A 144 27.65 -10.87 24.96
N GLY A 145 27.11 -9.87 25.66
CA GLY A 145 25.70 -9.89 26.01
C GLY A 145 24.81 -9.92 24.76
N LEU A 146 25.14 -9.10 23.77
CA LEU A 146 24.33 -9.00 22.54
C LEU A 146 24.43 -10.27 21.71
N LYS A 147 25.63 -10.85 21.68
CA LYS A 147 25.82 -12.11 21.00
C LYS A 147 24.94 -13.18 21.66
N HIS A 148 24.97 -13.21 22.99
CA HIS A 148 24.15 -14.17 23.74
C HIS A 148 22.67 -14.01 23.39
N VAL A 149 22.23 -12.76 23.31
CA VAL A 149 20.84 -12.43 23.06
C VAL A 149 20.41 -12.96 21.70
N ARG A 150 21.21 -12.78 20.66
CA ARG A 150 20.75 -13.22 19.35
C ARG A 150 20.87 -14.73 19.19
N GLU A 151 21.84 -15.34 19.89
CA GLU A 151 22.07 -16.79 19.79
C GLU A 151 21.08 -17.61 20.61
N ASN A 152 20.70 -17.11 21.78
CA ASN A 152 19.92 -17.90 22.72
C ASN A 152 18.59 -17.29 23.08
N SER A 153 18.59 -16.01 23.42
CA SER A 153 17.42 -15.38 24.04
C SER A 153 16.17 -15.32 23.14
N PHE A 154 16.35 -15.23 21.82
CA PHE A 154 15.21 -15.22 20.90
C PHE A 154 15.03 -16.56 20.19
N SER A 155 15.78 -17.56 20.61
CA SER A 155 15.68 -18.90 20.02
C SER A 155 14.35 -19.56 20.40
N GLY A 156 13.87 -20.44 19.53
CA GLY A 156 12.70 -21.23 19.83
C GLY A 156 12.82 -21.88 21.19
N ALA A 157 14.04 -22.31 21.55
CA ALA A 157 14.26 -23.06 22.78
C ALA A 157 13.94 -22.21 24.00
N GLU A 158 14.09 -20.90 23.90
CA GLU A 158 13.78 -20.03 25.03
C GLU A 158 12.40 -19.36 24.89
N GLY A 159 11.67 -19.67 23.83
CA GLY A 159 10.32 -19.15 23.68
C GLY A 159 10.16 -18.08 22.60
N GLY A 160 11.20 -17.87 21.82
CA GLY A 160 11.16 -16.85 20.78
C GLY A 160 10.87 -17.46 19.43
N GLY A 161 10.75 -16.62 18.41
CA GLY A 161 10.64 -17.11 17.04
C GLY A 161 9.31 -16.86 16.37
N ASN A 162 8.28 -16.61 17.16
CA ASN A 162 6.94 -16.31 16.65
C ASN A 162 6.95 -15.09 15.73
N PRO A 163 6.55 -15.25 14.46
CA PRO A 163 6.57 -14.17 13.46
C PRO A 163 5.58 -13.04 13.72
N ASP A 164 4.57 -13.29 14.53
CA ASP A 164 3.60 -12.24 14.89
C ASP A 164 4.21 -11.24 15.86
N LYS A 165 5.32 -11.63 16.49
CA LYS A 165 5.90 -10.84 17.56
C LYS A 165 7.08 -10.01 17.09
N GLN A 166 7.11 -8.76 17.51
CA GLN A 166 8.28 -7.94 17.26
C GLN A 166 9.32 -8.18 18.33
N LYS A 167 10.59 -8.21 17.93
CA LYS A 167 11.68 -8.50 18.86
C LYS A 167 12.36 -7.23 19.32
N ILE A 168 12.41 -7.03 20.63
CA ILE A 168 12.93 -5.81 21.20
C ILE A 168 13.93 -6.09 22.30
N VAL A 169 15.06 -5.41 22.24
CA VAL A 169 16.09 -5.54 23.25
C VAL A 169 16.32 -4.18 23.86
N ILE A 170 16.35 -4.13 25.20
CA ILE A 170 16.65 -2.90 25.89
C ILE A 170 17.89 -3.12 26.76
N LEU A 171 18.96 -2.45 26.39
CA LEU A 171 20.26 -2.57 27.05
C LEU A 171 20.43 -1.46 28.08
N MET A 172 20.87 -1.86 29.28
CA MET A 172 21.21 -0.92 30.35
C MET A 172 22.67 -1.08 30.75
N THR A 173 23.40 0.02 30.82
CA THR A 173 24.81 -0.04 31.15
C THR A 173 25.30 1.27 31.76
N ASP A 174 26.24 1.16 32.71
CA ASP A 174 26.81 2.32 33.35
C ASP A 174 28.20 2.53 32.78
N GLY A 175 28.51 1.80 31.73
CA GLY A 175 29.87 1.83 31.22
C GLY A 175 30.02 1.49 29.76
N LYS A 176 31.27 1.51 29.32
CA LYS A 176 31.61 1.18 27.94
C LYS A 176 32.13 -0.26 27.88
N SER A 177 31.83 -0.94 26.79
CA SER A 177 32.30 -2.30 26.63
C SER A 177 33.84 -2.31 26.76
N ASN A 178 34.38 -3.16 27.61
CA ASN A 178 35.83 -3.20 27.83
C ASN A 178 36.39 -4.61 27.74
N ALA A 179 35.60 -5.54 27.23
CA ALA A 179 36.08 -6.89 27.02
C ALA A 179 35.11 -7.67 26.17
N GLY A 180 35.61 -8.74 25.56
CA GLY A 180 34.76 -9.71 24.89
C GLY A 180 34.47 -9.37 23.45
N ALA A 181 33.49 -10.05 22.88
CA ALA A 181 33.05 -9.77 21.53
C ALA A 181 32.86 -8.27 21.35
N PRO A 182 33.43 -7.71 20.28
CA PRO A 182 33.19 -6.30 19.95
C PRO A 182 31.71 -6.08 19.65
N PRO A 183 31.08 -5.10 20.31
CA PRO A 183 29.62 -4.95 20.32
C PRO A 183 29.06 -4.47 18.99
N GLN A 184 29.87 -3.71 18.27
CA GLN A 184 29.42 -3.10 17.02
C GLN A 184 29.01 -4.21 16.05
N HIS A 185 29.87 -5.20 15.86
CA HIS A 185 29.54 -6.32 14.99
C HIS A 185 28.32 -7.12 15.47
N GLU A 186 28.24 -7.35 16.78
CA GLU A 186 27.18 -8.19 17.32
C GLU A 186 25.83 -7.50 17.27
N ALA A 187 25.83 -6.18 17.47
CA ALA A 187 24.64 -5.35 17.30
C ALA A 187 24.14 -5.44 15.86
N HIS A 188 25.08 -5.38 14.92
CA HIS A 188 24.78 -5.50 13.51
C HIS A 188 24.04 -6.80 13.20
N LYS A 189 24.64 -7.91 13.61
CA LYS A 189 24.04 -9.22 13.35
C LYS A 189 22.67 -9.29 13.98
N LEU A 190 22.57 -8.80 15.21
CA LEU A 190 21.33 -8.86 15.96
C LEU A 190 20.23 -8.09 15.24
N LYS A 191 20.54 -6.86 14.84
CA LYS A 191 19.54 -6.01 14.20
C LYS A 191 19.13 -6.58 12.85
N ALA A 192 20.07 -7.24 12.18
CA ALA A 192 19.78 -7.90 10.90
C ALA A 192 18.67 -8.92 11.05
N GLU A 193 18.56 -9.54 12.22
CA GLU A 193 17.55 -10.58 12.46
C GLU A 193 16.20 -10.00 12.85
N GLY A 194 16.00 -8.71 12.56
CA GLY A 194 14.71 -8.06 12.83
C GLY A 194 14.50 -7.61 14.26
N VAL A 195 15.59 -7.25 14.94
CA VAL A 195 15.51 -6.84 16.33
C VAL A 195 15.65 -5.33 16.49
N THR A 196 14.77 -4.75 17.30
CA THR A 196 14.86 -3.33 17.65
C THR A 196 15.77 -3.25 18.87
N VAL A 197 16.77 -2.37 18.85
CA VAL A 197 17.65 -2.21 19.99
C VAL A 197 17.54 -0.79 20.56
N ILE A 198 17.20 -0.73 21.84
CA ILE A 198 17.20 0.51 22.60
C ILE A 198 18.34 0.43 23.61
N ALA A 199 19.10 1.51 23.74
CA ALA A 199 20.24 1.53 24.65
C ALA A 199 20.11 2.63 25.68
N ILE A 200 20.33 2.30 26.95
CA ILE A 200 20.28 3.27 28.04
C ILE A 200 21.64 3.39 28.74
N GLY A 201 22.17 4.61 28.75
CA GLY A 201 23.42 4.90 29.43
C GLY A 201 23.17 5.68 30.70
N ILE A 202 23.78 5.22 31.79
CA ILE A 202 23.58 5.78 33.11
C ILE A 202 24.91 6.24 33.68
N GLY A 203 24.98 7.53 34.03
CA GLY A 203 26.18 8.09 34.64
C GLY A 203 27.11 8.75 33.64
N GLN A 204 28.41 8.45 33.75
CA GLN A 204 29.42 9.05 32.88
C GLN A 204 30.42 8.05 32.29
N GLY A 205 30.40 6.81 32.79
CA GLY A 205 31.41 5.82 32.42
C GLY A 205 31.17 5.10 31.10
N PHE A 206 29.97 5.30 30.52
CA PHE A 206 29.67 4.75 29.20
C PHE A 206 30.13 5.74 28.14
N VAL A 207 30.17 5.30 26.88
CA VAL A 207 30.41 6.21 25.79
C VAL A 207 29.20 6.21 24.83
N LYS A 208 28.65 7.41 24.68
CA LYS A 208 27.41 7.59 23.92
C LYS A 208 27.54 7.15 22.45
N THR A 209 28.69 7.39 21.86
CA THR A 209 28.92 6.99 20.47
C THR A 209 28.83 5.46 20.29
N GLU A 210 29.35 4.71 21.25
CA GLU A 210 29.25 3.25 21.22
C GLU A 210 27.79 2.81 21.26
N LEU A 211 27.01 3.39 22.17
CA LEU A 211 25.59 3.06 22.25
C LEU A 211 24.84 3.39 20.95
N GLU A 212 25.28 4.47 20.30
CA GLU A 212 24.68 4.92 19.06
C GLU A 212 24.91 3.95 17.90
N GLN A 213 26.06 3.28 17.90
CA GLN A 213 26.34 2.26 16.90
C GLN A 213 25.55 0.99 17.19
N ILE A 214 25.22 0.79 18.46
CA ILE A 214 24.52 -0.41 18.90
C ILE A 214 23.02 -0.33 18.67
N ALA A 215 22.42 0.78 19.08
CA ALA A 215 20.98 0.98 18.98
C ALA A 215 20.48 0.99 17.52
N THR A 216 19.18 0.83 17.35
CA THR A 216 18.57 0.85 16.02
C THR A 216 18.85 2.15 15.29
N MET A 217 18.62 3.27 15.98
CA MET A 217 19.00 4.59 15.47
C MET A 217 19.50 5.44 16.64
N LYS A 218 20.03 6.62 16.34
CA LYS A 218 20.62 7.45 17.38
C LYS A 218 19.62 7.83 18.46
N ASN A 219 18.38 8.09 18.07
CA ASN A 219 17.36 8.49 19.02
C ASN A 219 16.85 7.35 19.89
N TYR A 220 17.33 6.13 19.63
CA TYR A 220 17.02 4.99 20.48
C TYR A 220 18.05 4.86 21.57
N VAL A 221 18.90 5.87 21.70
CA VAL A 221 19.88 5.93 22.79
C VAL A 221 19.41 6.96 23.79
N LEU A 222 19.21 6.51 25.02
CA LEU A 222 18.76 7.37 26.09
C LEU A 222 19.78 7.38 27.19
N THR A 223 20.01 8.55 27.77
CA THR A 223 20.97 8.69 28.85
C THR A 223 20.36 9.38 30.08
N THR A 224 20.99 9.14 31.22
CA THR A 224 20.65 9.83 32.45
C THR A 224 21.87 9.83 33.37
N ASN A 225 21.93 10.80 34.27
CA ASN A 225 23.11 11.00 35.11
C ASN A 225 23.24 9.98 36.23
N SER A 226 22.11 9.50 36.74
CA SER A 226 22.11 8.57 37.87
C SER A 226 20.99 7.54 37.77
N PHE A 227 21.18 6.42 38.45
CA PHE A 227 20.16 5.38 38.56
C PHE A 227 18.90 5.94 39.22
N SER A 228 19.07 6.96 40.07
CA SER A 228 17.94 7.58 40.76
C SER A 228 16.96 8.16 39.75
N GLU A 229 17.51 8.64 38.64
CA GLU A 229 16.71 9.29 37.61
C GLU A 229 16.20 8.35 36.51
N LEU A 230 16.74 7.13 36.49
CA LEU A 230 16.33 6.13 35.50
C LEU A 230 14.88 6.29 35.07
N SER A 231 14.01 6.49 36.06
CA SER A 231 12.56 6.41 35.85
C SER A 231 12.01 7.58 35.05
N THR A 232 12.82 8.62 34.87
CA THR A 232 12.44 9.75 34.01
C THR A 232 12.51 9.36 32.53
N LEU A 233 12.93 8.12 32.26
CA LEU A 233 13.08 7.65 30.89
C LEU A 233 11.99 6.67 30.53
N LEU A 234 11.17 6.29 31.49
CA LEU A 234 10.18 5.23 31.27
C LEU A 234 9.36 5.52 30.01
N LYS A 235 8.78 6.71 29.95
CA LYS A 235 7.92 7.06 28.83
C LYS A 235 8.67 6.91 27.51
N LEU A 236 9.82 7.57 27.42
CA LEU A 236 10.68 7.51 26.24
C LEU A 236 11.02 6.10 25.78
N VAL A 237 11.38 5.22 26.70
CA VAL A 237 11.70 3.84 26.32
C VAL A 237 10.48 3.12 25.74
N ILE A 238 9.34 3.28 26.40
CA ILE A 238 8.10 2.70 25.90
C ILE A 238 7.73 3.21 24.52
N ASP A 239 7.90 4.51 24.28
CA ASP A 239 7.54 5.09 22.99
C ASP A 239 8.43 4.47 21.91
N LEU A 240 9.71 4.34 22.21
CA LEU A 240 10.64 3.67 21.31
C LEU A 240 10.27 2.20 21.10
N ALA A 241 9.96 1.49 22.18
CA ALA A 241 9.68 0.06 22.06
C ALA A 241 8.42 -0.15 21.25
N CYS A 242 7.51 0.82 21.33
CA CYS A 242 6.23 0.71 20.66
C CYS A 242 6.26 1.32 19.24
N GLU A 243 7.43 1.80 18.85
CA GLU A 243 7.59 2.29 17.49
C GLU A 243 7.75 1.09 16.58
N VAL A 244 6.99 1.08 15.49
CA VAL A 244 6.99 -0.04 14.58
C VAL A 244 7.43 0.47 13.23
N CYS A 245 8.58 0.00 12.79
CA CYS A 245 9.10 0.40 11.49
C CYS A 245 9.04 -0.77 10.53
N VAL A 246 8.55 -0.49 9.33
CA VAL A 246 8.29 -1.48 8.31
C VAL A 246 8.80 -0.95 6.97
N VAL A 247 9.23 -1.84 6.09
CA VAL A 247 9.55 -1.43 4.73
C VAL A 247 8.27 -1.36 3.90
N ASP A 248 7.86 -0.15 3.52
CA ASP A 248 6.64 0.04 2.74
C ASP A 248 6.80 1.13 1.70
N CYS A 249 6.99 0.72 0.45
CA CYS A 249 7.15 1.63 -0.67
C CYS A 249 5.81 2.13 -1.23
N ALA A 250 4.73 1.91 -0.48
CA ALA A 250 3.41 2.40 -0.88
C ALA A 250 2.75 3.17 0.27
N GLY A 251 3.54 3.52 1.26
CA GLY A 251 3.02 4.27 2.36
C GLY A 251 3.04 5.73 1.99
N HIS A 252 2.46 6.57 2.84
CA HIS A 252 2.60 8.00 2.69
C HIS A 252 3.97 8.40 3.25
N ALA A 253 4.77 9.09 2.44
CA ALA A 253 6.08 9.57 2.88
C ALA A 253 6.58 10.78 2.08
N ASP A 254 7.39 11.61 2.75
CA ASP A 254 7.98 12.78 2.12
C ASP A 254 9.49 12.57 2.00
N ILE A 255 9.97 12.48 0.77
CA ILE A 255 11.36 12.13 0.54
C ILE A 255 12.17 13.28 -0.06
N ALA A 256 13.18 13.73 0.66
CA ALA A 256 14.04 14.79 0.15
C ALA A 256 15.43 14.26 -0.26
N PHE A 257 15.77 14.43 -1.52
CA PHE A 257 17.13 14.25 -1.97
C PHE A 257 17.90 15.54 -1.71
N VAL A 258 19.02 15.40 -1.00
CA VAL A 258 19.92 16.51 -0.76
C VAL A 258 21.24 16.07 -1.39
N PHE A 259 21.48 16.54 -2.60
CA PHE A 259 22.57 16.02 -3.39
C PHE A 259 23.60 17.07 -3.79
N ASP A 260 24.83 16.61 -3.83
CA ASP A 260 25.99 17.38 -4.27
C ASP A 260 25.79 17.95 -5.68
N ALA A 261 26.10 19.22 -5.89
CA ALA A 261 26.08 19.80 -7.22
C ALA A 261 27.39 20.51 -7.54
N SER A 262 28.47 20.07 -6.90
CA SER A 262 29.80 20.63 -7.11
C SER A 262 30.34 20.35 -8.50
N SER A 263 31.27 21.21 -8.95
CA SER A 263 32.00 21.01 -10.20
C SER A 263 32.95 19.81 -10.14
N SER A 264 33.19 19.31 -8.93
CA SER A 264 34.08 18.17 -8.74
C SER A 264 33.55 16.90 -9.40
N ILE A 265 32.23 16.77 -9.44
CA ILE A 265 31.59 15.51 -9.82
C ILE A 265 31.93 15.09 -11.26
N ASN A 266 31.92 16.05 -12.16
CA ASN A 266 32.22 15.80 -13.57
C ASN A 266 33.63 16.24 -13.96
N ALA A 267 34.48 16.44 -12.95
CA ALA A 267 35.82 16.98 -13.15
C ALA A 267 36.72 16.06 -13.98
N ASN A 268 36.55 14.75 -13.81
CA ASN A 268 37.38 13.77 -14.50
C ASN A 268 36.52 12.69 -15.12
N ASN A 269 35.27 13.05 -15.42
CA ASN A 269 34.33 12.16 -16.09
C ASN A 269 32.99 12.85 -16.21
N PRO A 270 32.60 13.22 -17.45
CA PRO A 270 31.41 14.04 -17.68
C PRO A 270 30.09 13.26 -17.55
N ASN A 271 30.16 11.98 -17.24
CA ASN A 271 28.95 11.18 -17.08
C ASN A 271 28.57 11.00 -15.61
N ASN A 272 29.43 11.43 -14.70
CA ASN A 272 29.14 11.22 -13.28
C ASN A 272 27.82 11.88 -12.85
N TYR A 273 27.61 13.14 -13.19
CA TYR A 273 26.39 13.80 -12.74
C TYR A 273 25.17 13.05 -13.21
N GLN A 274 25.13 12.67 -14.49
CA GLN A 274 24.00 11.92 -15.01
C GLN A 274 23.75 10.60 -14.28
N LEU A 275 24.82 9.93 -13.87
CA LEU A 275 24.68 8.66 -13.16
C LEU A 275 24.03 8.89 -11.80
N MET A 276 24.40 10.00 -11.17
CA MET A 276 23.85 10.38 -9.87
C MET A 276 22.35 10.66 -10.04
N LYS A 277 22.00 11.35 -11.11
CA LYS A 277 20.61 11.61 -11.43
C LYS A 277 19.82 10.33 -11.72
N ASN A 278 20.41 9.38 -12.45
CA ASN A 278 19.70 8.14 -12.74
C ASN A 278 19.45 7.37 -11.46
N PHE A 279 20.40 7.46 -10.53
CA PHE A 279 20.30 6.80 -9.22
C PHE A 279 19.05 7.29 -8.50
N MET A 280 18.91 8.61 -8.45
CA MET A 280 17.75 9.25 -7.85
C MET A 280 16.47 8.85 -8.56
N LYS A 281 16.47 8.99 -9.89
CA LYS A 281 15.33 8.58 -10.71
C LYS A 281 14.93 7.13 -10.45
N ASP A 282 15.91 6.25 -10.34
CA ASP A 282 15.65 4.84 -10.08
C ASP A 282 14.98 4.65 -8.73
N ILE A 283 15.37 5.46 -7.75
CA ILE A 283 14.75 5.38 -6.43
C ILE A 283 13.29 5.80 -6.49
N VAL A 284 13.01 6.91 -7.16
CA VAL A 284 11.63 7.34 -7.39
C VAL A 284 10.79 6.20 -7.97
N ASP A 285 11.29 5.52 -9.00
CA ASP A 285 10.50 4.46 -9.65
C ASP A 285 10.06 3.33 -8.71
N ARG A 286 10.73 3.15 -7.59
CA ARG A 286 10.44 2.03 -6.70
C ARG A 286 9.28 2.33 -5.77
N PHE A 287 8.81 3.57 -5.78
CA PHE A 287 7.64 3.90 -4.98
C PHE A 287 6.38 3.70 -5.81
N ASN A 288 5.34 3.21 -5.13
CA ASN A 288 4.10 2.79 -5.76
C ASN A 288 3.38 3.96 -6.39
N LYS A 289 3.18 5.01 -5.61
CA LYS A 289 2.44 6.18 -6.08
C LYS A 289 3.01 7.46 -5.50
N THR A 290 3.10 8.46 -6.36
CA THR A 290 3.66 9.74 -5.99
C THR A 290 2.55 10.78 -5.85
N GLY A 291 2.85 11.86 -5.14
CA GLY A 291 1.91 12.93 -4.95
C GLY A 291 1.33 12.94 -3.55
N PRO A 292 0.32 13.79 -3.35
CA PRO A 292 -0.36 13.98 -2.07
C PRO A 292 -1.01 12.71 -1.52
N ASP A 293 -1.27 11.75 -2.40
CA ASP A 293 -1.89 10.50 -1.98
C ASP A 293 -0.87 9.39 -1.74
N GLY A 294 0.40 9.67 -2.00
CA GLY A 294 1.44 8.67 -1.80
C GLY A 294 2.77 9.25 -1.35
N THR A 295 3.79 9.07 -2.18
CA THR A 295 5.13 9.54 -1.87
C THR A 295 5.35 10.88 -2.53
N GLN A 296 5.71 11.87 -1.73
CA GLN A 296 6.10 13.16 -2.25
C GLN A 296 7.61 13.29 -2.24
N PHE A 297 8.14 13.91 -3.30
CA PHE A 297 9.57 14.04 -3.46
C PHE A 297 10.02 15.49 -3.51
N ALA A 298 11.27 15.71 -3.09
CA ALA A 298 11.88 17.02 -3.14
C ALA A 298 13.36 16.89 -3.44
N VAL A 299 13.94 17.97 -3.96
CA VAL A 299 15.37 17.99 -4.27
C VAL A 299 16.03 19.29 -3.78
N VAL A 300 17.07 19.11 -2.99
CA VAL A 300 17.94 20.21 -2.57
C VAL A 300 19.33 19.85 -3.10
N THR A 301 19.99 20.81 -3.71
CA THR A 301 21.36 20.58 -4.13
C THR A 301 22.27 21.57 -3.40
N PHE A 302 23.52 21.17 -3.19
CA PHE A 302 24.45 22.05 -2.48
C PHE A 302 25.78 22.11 -3.20
N ALA A 303 26.39 23.29 -3.17
CA ALA A 303 27.76 23.48 -3.65
C ALA A 303 28.46 24.33 -2.60
N ASP A 304 28.78 25.58 -2.92
CA ASP A 304 29.27 26.48 -1.87
C ASP A 304 28.12 26.75 -0.92
N ARG A 305 26.90 26.76 -1.46
CA ARG A 305 25.69 26.97 -0.65
C ARG A 305 24.63 25.95 -1.04
N ALA A 306 23.37 26.19 -0.68
CA ALA A 306 22.31 25.22 -1.00
C ALA A 306 21.08 25.86 -1.64
N THR A 307 20.42 25.08 -2.50
CA THR A 307 19.36 25.60 -3.34
C THR A 307 18.28 24.56 -3.43
N LYS A 308 17.06 24.97 -3.10
CA LYS A 308 15.90 24.10 -3.25
C LYS A 308 15.48 24.14 -4.70
N GLN A 309 15.58 22.99 -5.37
CA GLN A 309 15.25 22.90 -6.78
C GLN A 309 13.75 22.68 -6.90
N PHE A 310 13.22 21.70 -6.16
CA PHE A 310 11.77 21.61 -6.01
C PHE A 310 11.38 21.10 -4.64
N GLY A 311 10.23 21.59 -4.18
CA GLY A 311 9.64 21.17 -2.93
C GLY A 311 8.75 19.96 -3.14
N LEU A 312 8.17 19.47 -2.04
CA LEU A 312 7.33 18.28 -2.01
C LEU A 312 6.02 18.46 -2.77
N LYS A 313 5.54 19.70 -2.90
CA LYS A 313 4.24 19.95 -3.52
C LYS A 313 4.30 20.36 -4.99
N ASP A 314 5.49 20.48 -5.54
CA ASP A 314 5.61 20.84 -6.95
C ASP A 314 4.98 19.77 -7.86
N TYR A 315 5.28 18.50 -7.59
CA TYR A 315 4.95 17.42 -8.51
C TYR A 315 4.19 16.22 -7.92
N SER A 316 3.29 15.67 -8.71
CA SER A 316 2.54 14.53 -8.25
C SER A 316 2.73 13.31 -9.15
N SER A 317 3.49 13.47 -10.24
CA SER A 317 3.70 12.37 -11.19
C SER A 317 5.17 12.00 -11.24
N LYS A 318 5.44 10.72 -11.44
CA LYS A 318 6.82 10.26 -11.51
C LYS A 318 7.50 10.83 -12.73
N ALA A 319 6.74 10.93 -13.80
CA ALA A 319 7.24 11.53 -15.03
C ALA A 319 7.78 12.94 -14.77
N ASP A 320 7.04 13.73 -13.98
CA ASP A 320 7.43 15.12 -13.73
C ASP A 320 8.57 15.23 -12.71
N ILE A 321 8.52 14.36 -11.71
CA ILE A 321 9.56 14.31 -10.70
C ILE A 321 10.89 13.94 -11.36
N LYS A 322 10.87 12.89 -12.17
CA LYS A 322 12.08 12.47 -12.88
C LYS A 322 12.54 13.46 -13.94
N GLY A 323 11.60 14.06 -14.66
CA GLY A 323 11.95 15.11 -15.59
C GLY A 323 12.59 16.25 -14.81
N ALA A 324 12.03 16.57 -13.65
CA ALA A 324 12.58 17.64 -12.82
C ALA A 324 14.02 17.34 -12.39
N ILE A 325 14.25 16.12 -11.93
CA ILE A 325 15.59 15.71 -11.54
C ILE A 325 16.58 15.92 -12.66
N ASP A 326 16.18 15.58 -13.88
CA ASP A 326 17.10 15.63 -15.02
C ASP A 326 17.50 17.05 -15.44
N LYS A 327 16.69 18.03 -15.08
CA LYS A 327 16.98 19.43 -15.40
C LYS A 327 18.01 20.02 -14.45
N VAL A 328 18.27 19.35 -13.33
CA VAL A 328 19.22 19.84 -12.34
C VAL A 328 20.64 19.90 -12.90
N THR A 329 21.29 21.05 -12.76
CA THR A 329 22.62 21.22 -13.31
C THR A 329 23.65 21.50 -12.22
N PRO A 330 24.91 21.06 -12.44
CA PRO A 330 26.01 21.28 -11.52
C PRO A 330 26.35 22.76 -11.37
N SER A 331 27.02 23.11 -10.28
CA SER A 331 27.54 24.44 -10.08
C SER A 331 28.91 24.49 -10.75
N ILE A 332 29.42 25.69 -11.02
CA ILE A 332 30.82 25.78 -11.48
C ILE A 332 31.76 25.96 -10.29
N ILE A 333 31.21 25.93 -9.08
CA ILE A 333 32.01 26.02 -7.87
C ILE A 333 32.27 24.64 -7.28
N GLY A 334 33.53 24.38 -6.93
CA GLY A 334 33.93 23.12 -6.34
C GLY A 334 33.94 23.16 -4.81
N GLN A 335 32.75 23.07 -4.23
CA GLN A 335 32.59 23.03 -2.78
C GLN A 335 31.41 22.13 -2.47
N THR A 336 31.37 21.59 -1.26
CA THR A 336 30.29 20.66 -0.87
C THR A 336 29.69 21.03 0.48
N ALA A 337 28.72 21.94 0.45
CA ALA A 337 28.11 22.48 1.66
C ALA A 337 27.02 21.56 2.18
N ILE A 338 27.43 20.39 2.63
CA ILE A 338 26.54 19.41 3.23
C ILE A 338 25.65 20.05 4.29
N GLY A 339 26.22 20.91 5.13
CA GLY A 339 25.43 21.52 6.19
C GLY A 339 24.31 22.42 5.67
N ASP A 340 24.63 23.19 4.65
CA ASP A 340 23.65 24.08 4.04
C ASP A 340 22.55 23.26 3.39
N GLY A 341 22.92 22.15 2.78
CA GLY A 341 21.94 21.25 2.17
C GLY A 341 20.93 20.79 3.20
N LEU A 342 21.43 20.29 4.32
CA LEU A 342 20.57 19.82 5.41
C LEU A 342 19.70 20.95 6.00
N GLU A 343 20.31 22.12 6.20
CA GLU A 343 19.59 23.29 6.69
C GLU A 343 18.43 23.62 5.76
N ASN A 344 18.73 23.70 4.47
CA ASN A 344 17.71 24.00 3.47
C ASN A 344 16.54 23.01 3.54
N ALA A 345 16.83 21.71 3.58
CA ALA A 345 15.75 20.73 3.68
C ALA A 345 14.92 20.97 4.93
N ARG A 346 15.59 21.32 6.03
CA ARG A 346 14.90 21.52 7.29
C ARG A 346 13.99 22.76 7.27
N LEU A 347 14.49 23.84 6.68
CA LEU A 347 13.76 25.11 6.71
C LEU A 347 12.81 25.27 5.53
N GLU A 348 13.14 24.66 4.40
CA GLU A 348 12.44 24.95 3.15
C GLU A 348 11.67 23.77 2.56
N VAL A 349 11.96 22.55 2.99
CA VAL A 349 11.28 21.39 2.42
C VAL A 349 10.25 20.79 3.39
N PHE A 350 10.69 20.43 4.58
CA PHE A 350 9.80 19.90 5.59
C PHE A 350 9.17 21.04 6.37
N VAL A 361 3.26 12.04 8.51
CA VAL A 361 3.86 11.31 7.40
C VAL A 361 5.34 11.07 7.66
N GLN A 362 5.85 9.94 7.15
CA GLN A 362 7.25 9.60 7.32
C GLN A 362 8.15 10.49 6.50
N LYS A 363 9.18 11.05 7.14
CA LYS A 363 10.12 11.93 6.45
C LYS A 363 11.48 11.26 6.34
N VAL A 364 12.08 11.38 5.15
CA VAL A 364 13.36 10.76 4.86
C VAL A 364 14.22 11.75 4.11
N VAL A 365 15.50 11.81 4.47
CA VAL A 365 16.51 12.51 3.68
C VAL A 365 17.51 11.50 3.18
N ILE A 366 17.84 11.62 1.90
CA ILE A 366 18.88 10.83 1.28
C ILE A 366 19.90 11.83 0.79
N LEU A 367 21.06 11.87 1.45
CA LEU A 367 22.13 12.81 1.15
C LEU A 367 23.26 12.10 0.40
N LEU A 368 23.78 12.76 -0.63
CA LEU A 368 24.91 12.25 -1.38
C LEU A 368 25.97 13.32 -1.57
N THR A 369 27.21 12.98 -1.22
CA THR A 369 28.32 13.93 -1.36
C THR A 369 29.60 13.26 -1.87
N ASP A 370 30.40 14.03 -2.61
CA ASP A 370 31.73 13.58 -3.01
C ASP A 370 32.82 14.46 -2.38
N GLY A 371 32.46 15.25 -1.39
CA GLY A 371 33.41 16.14 -0.74
C GLY A 371 33.11 16.31 0.72
N GLN A 372 34.03 16.96 1.46
CA GLN A 372 33.82 17.24 2.87
C GLN A 372 33.13 18.58 3.05
N ASN A 373 32.51 18.78 4.21
CA ASN A 373 31.76 20.00 4.47
C ASN A 373 32.67 21.21 4.43
N ASN A 374 32.13 22.33 3.94
CA ASN A 374 32.88 23.57 3.80
C ASN A 374 32.80 24.40 5.08
N GLY A 375 31.94 23.94 5.99
CA GLY A 375 31.80 24.56 7.29
C GLY A 375 30.85 25.75 7.39
N HIS A 376 30.16 26.11 6.30
CA HIS A 376 29.24 27.23 6.43
C HIS A 376 28.13 26.89 7.42
N LYS A 377 27.66 25.64 7.41
CA LYS A 377 26.70 25.17 8.40
C LYS A 377 27.24 23.86 8.94
N SER A 378 26.81 23.51 10.15
CA SER A 378 27.29 22.30 10.84
C SER A 378 26.46 21.07 10.43
N PRO A 379 27.08 20.10 9.75
CA PRO A 379 26.27 18.90 9.43
C PRO A 379 25.69 18.25 10.70
N GLU A 380 26.47 18.20 11.77
CA GLU A 380 26.00 17.51 12.97
C GLU A 380 24.80 18.21 13.56
N HIS A 381 24.86 19.53 13.58
CA HIS A 381 23.79 20.29 14.20
C HIS A 381 22.51 20.20 13.37
N GLU A 382 22.65 20.37 12.06
CA GLU A 382 21.49 20.39 11.19
C GLU A 382 20.84 19.00 11.07
N SER A 383 21.66 17.95 11.07
CA SER A 383 21.10 16.60 11.05
C SER A 383 20.41 16.30 12.38
N SER A 384 21.02 16.75 13.47
CA SER A 384 20.40 16.59 14.80
C SER A 384 18.99 17.22 14.86
N LEU A 385 18.86 18.45 14.36
CA LEU A 385 17.55 19.12 14.33
C LEU A 385 16.56 18.34 13.48
N LEU A 386 16.99 17.87 12.31
CA LEU A 386 16.12 17.06 11.45
C LEU A 386 15.69 15.74 12.13
N ARG A 387 16.60 15.04 12.77
CA ARG A 387 16.26 13.75 13.36
C ARG A 387 15.26 13.92 14.48
N LYS A 388 15.43 15.00 15.26
CA LYS A 388 14.52 15.29 16.36
C LYS A 388 13.11 15.60 15.89
N GLU A 389 12.94 15.93 14.61
CA GLU A 389 11.59 16.13 14.06
C GLU A 389 11.08 14.84 13.42
N GLY A 390 11.88 13.77 13.52
CA GLY A 390 11.47 12.47 13.04
C GLY A 390 11.94 12.11 11.64
N VAL A 391 12.87 12.90 11.09
CA VAL A 391 13.45 12.60 9.78
C VAL A 391 14.50 11.49 9.88
N VAL A 392 14.36 10.47 9.04
CA VAL A 392 15.35 9.44 8.91
C VAL A 392 16.37 9.85 7.86
N ILE A 393 17.65 9.83 8.21
CA ILE A 393 18.66 10.35 7.31
C ILE A 393 19.57 9.24 6.82
N VAL A 394 19.68 9.14 5.51
CA VAL A 394 20.55 8.16 4.86
C VAL A 394 21.66 8.96 4.21
N ALA A 395 22.90 8.49 4.34
CA ALA A 395 24.07 9.23 3.91
C ALA A 395 24.97 8.40 3.00
N ILE A 396 25.32 8.99 1.86
CA ILE A 396 26.05 8.30 0.83
C ILE A 396 27.25 9.14 0.41
N GLY A 397 28.42 8.51 0.40
CA GLY A 397 29.63 9.15 -0.11
C GLY A 397 30.17 8.44 -1.33
N VAL A 398 30.53 9.20 -2.35
CA VAL A 398 31.08 8.63 -3.57
C VAL A 398 32.48 9.17 -3.83
N GLY A 399 33.43 8.27 -4.10
CA GLY A 399 34.80 8.67 -4.39
C GLY A 399 35.72 8.61 -3.19
N THR A 400 36.77 9.41 -3.21
CA THR A 400 37.71 9.49 -2.09
C THR A 400 37.76 10.89 -1.49
N GLY A 401 36.87 11.76 -1.92
CA GLY A 401 36.89 13.15 -1.49
C GLY A 401 36.03 13.47 -0.28
N PHE A 402 35.15 12.54 0.09
CA PHE A 402 34.25 12.74 1.22
C PHE A 402 34.87 12.21 2.49
N LEU A 403 34.33 12.61 3.64
CA LEU A 403 34.80 12.10 4.94
C LEU A 403 33.71 11.26 5.59
N LYS A 404 34.03 9.99 5.87
CA LYS A 404 33.01 9.04 6.35
C LYS A 404 32.48 9.44 7.73
N SER A 405 33.33 10.14 8.48
CA SER A 405 32.95 10.69 9.77
C SER A 405 31.73 11.60 9.63
N GLU A 406 31.72 12.42 8.59
CA GLU A 406 30.62 13.36 8.39
C GLU A 406 29.35 12.60 7.98
N LEU A 407 29.51 11.53 7.20
CA LEU A 407 28.37 10.69 6.86
C LEU A 407 27.76 10.11 8.14
N ILE A 408 28.61 9.65 9.03
CA ILE A 408 28.14 8.99 10.24
C ILE A 408 27.45 10.00 11.13
N ASN A 409 28.02 11.20 11.20
CA ASN A 409 27.42 12.26 12.02
C ASN A 409 26.00 12.62 11.60
N ILE A 410 25.73 12.67 10.30
CA ILE A 410 24.41 13.10 9.84
C ILE A 410 23.39 11.98 9.74
N ALA A 411 23.85 10.75 9.49
CA ALA A 411 22.96 9.61 9.33
C ALA A 411 22.23 9.28 10.65
N SER A 412 21.07 8.65 10.54
CA SER A 412 20.28 8.26 11.71
C SER A 412 20.92 7.05 12.38
N SER A 413 21.76 6.38 11.62
CA SER A 413 22.50 5.22 12.11
C SER A 413 23.67 5.00 11.17
N GLU A 414 24.77 4.47 11.71
CA GLU A 414 25.91 4.11 10.88
C GLU A 414 25.53 3.04 9.86
N GLU A 415 24.52 2.23 10.17
CA GLU A 415 24.03 1.26 9.21
C GLU A 415 23.43 1.94 7.96
N TYR A 416 23.08 3.23 8.07
CA TYR A 416 22.44 3.93 6.96
C TYR A 416 23.46 4.73 6.19
N VAL A 417 24.73 4.43 6.43
CA VAL A 417 25.83 5.07 5.72
C VAL A 417 26.32 4.12 4.63
N PHE A 418 26.52 4.67 3.44
CA PHE A 418 26.96 3.90 2.28
C PHE A 418 28.08 4.63 1.59
N THR A 419 29.01 3.87 1.04
CA THR A 419 30.14 4.44 0.31
C THR A 419 30.45 3.64 -0.95
N THR A 420 30.90 4.32 -1.98
CA THR A 420 31.23 3.65 -3.24
C THR A 420 32.42 4.37 -3.83
N SER A 421 33.26 3.63 -4.54
CA SER A 421 34.50 4.18 -5.08
C SER A 421 34.24 5.09 -6.27
N SER A 422 33.12 4.88 -6.93
CA SER A 422 32.79 5.74 -8.08
C SER A 422 31.29 5.74 -8.38
N PHE A 423 30.87 6.69 -9.21
CA PHE A 423 29.46 6.86 -9.55
C PHE A 423 28.83 5.68 -10.32
N ASP A 424 29.60 4.96 -11.12
CA ASP A 424 29.01 3.83 -11.85
C ASP A 424 28.79 2.61 -10.95
N LYS A 425 29.21 2.69 -9.69
CA LYS A 425 28.98 1.60 -8.74
C LYS A 425 27.84 1.86 -7.76
N LEU A 426 27.13 2.98 -7.94
CA LEU A 426 25.91 3.23 -7.16
C LEU A 426 24.91 2.06 -7.20
N SER A 427 24.92 1.29 -8.27
CA SER A 427 24.05 0.12 -8.40
C SER A 427 24.24 -0.85 -7.23
N LYS A 428 25.44 -0.90 -6.69
CA LYS A 428 25.76 -1.85 -5.63
C LYS A 428 25.03 -1.54 -4.31
N ILE A 429 24.60 -0.29 -4.11
CA ILE A 429 23.94 0.09 -2.86
C ILE A 429 22.45 0.36 -3.06
N MET A 430 22.04 0.36 -4.31
CA MET A 430 20.66 0.61 -4.70
C MET A 430 19.61 -0.07 -3.81
N GLU A 431 19.68 -1.39 -3.67
CA GLU A 431 18.65 -2.15 -2.96
C GLU A 431 18.61 -1.80 -1.48
N ASP A 432 19.77 -1.68 -0.87
CA ASP A 432 19.85 -1.31 0.54
C ASP A 432 19.34 0.10 0.76
N VAL A 433 19.63 1.01 -0.16
CA VAL A 433 19.19 2.39 -0.01
C VAL A 433 17.68 2.50 -0.18
N VAL A 434 17.12 1.73 -1.11
CA VAL A 434 15.67 1.74 -1.33
C VAL A 434 14.95 1.21 -0.10
N LYS A 435 15.45 0.12 0.48
CA LYS A 435 14.85 -0.43 1.69
C LYS A 435 14.72 0.64 2.77
N LEU A 436 15.75 1.46 2.92
CA LEU A 436 15.71 2.53 3.91
C LEU A 436 14.82 3.69 3.43
N ALA A 437 14.90 4.05 2.15
CA ALA A 437 14.04 5.10 1.59
C ALA A 437 12.57 4.76 1.77
N CYS A 438 12.22 3.47 1.68
CA CYS A 438 10.81 3.06 1.88
C CYS A 438 10.44 2.75 3.32
N MET A 439 11.37 2.99 4.25
CA MET A 439 11.11 2.72 5.66
C MET A 439 9.94 3.58 6.12
N SER A 440 9.07 2.99 6.93
CA SER A 440 7.87 3.67 7.39
C SER A 440 7.60 3.31 8.84
N CYS A 441 7.86 4.26 9.74
CA CYS A 441 7.73 4.03 11.17
C CYS A 441 6.49 4.69 11.72
N LYS A 442 5.80 3.99 12.62
CA LYS A 442 4.60 4.53 13.26
C LYS A 442 4.69 4.35 14.77
N PRO A 443 4.43 5.43 15.53
CA PRO A 443 4.32 5.33 16.99
C PRO A 443 2.98 4.74 17.43
N ARG A 444 3.03 3.72 18.27
CA ARG A 444 1.82 3.03 18.72
C ARG A 444 1.60 3.19 20.23
N ALA A 445 2.60 3.72 20.92
CA ALA A 445 2.46 4.03 22.34
C ALA A 445 1.29 4.99 22.53
N HIS A 446 0.68 4.93 23.71
CA HIS A 446 -0.45 5.80 24.04
C HIS A 446 -0.69 5.83 25.54
N LYS A 447 -1.29 6.92 26.04
CA LYS A 447 -1.40 7.17 27.47
C LYS A 447 -2.56 6.41 28.12
N ALA B 47 -31.85 -6.61 7.72
CA ALA B 47 -30.77 -7.47 8.17
C ALA B 47 -29.44 -6.94 7.66
N GLU B 48 -29.44 -6.37 6.45
CA GLU B 48 -28.21 -5.96 5.79
C GLU B 48 -28.07 -4.43 5.73
N GLU B 49 -26.91 -3.91 6.13
CA GLU B 49 -26.69 -2.47 6.05
C GLU B 49 -25.30 -2.08 5.57
N CYS B 50 -25.18 -0.82 5.17
CA CYS B 50 -23.92 -0.29 4.65
C CYS B 50 -23.58 0.99 5.39
N ASP B 51 -22.32 1.10 5.82
CA ASP B 51 -21.87 2.28 6.56
C ASP B 51 -21.19 3.30 5.66
N VAL B 52 -20.84 2.89 4.45
CA VAL B 52 -20.09 3.76 3.56
C VAL B 52 -20.85 5.07 3.34
N GLN B 53 -20.12 6.18 3.34
CA GLN B 53 -20.69 7.48 3.12
C GLN B 53 -20.86 7.73 1.62
N ALA B 54 -22.09 8.05 1.21
CA ALA B 54 -22.39 8.10 -0.22
C ALA B 54 -23.48 9.09 -0.58
N ASP B 55 -23.42 9.56 -1.82
CA ASP B 55 -24.53 10.28 -2.45
C ASP B 55 -25.18 9.26 -3.37
N ILE B 56 -26.42 8.89 -3.05
CA ILE B 56 -27.13 7.85 -3.78
C ILE B 56 -28.25 8.46 -4.63
N ILE B 57 -28.25 8.11 -5.92
CA ILE B 57 -29.29 8.54 -6.85
C ILE B 57 -30.01 7.33 -7.45
N VAL B 58 -31.31 7.26 -7.21
CA VAL B 58 -32.14 6.23 -7.82
C VAL B 58 -32.78 6.79 -9.10
N LEU B 59 -32.59 6.04 -10.19
CA LEU B 59 -33.18 6.36 -11.47
C LEU B 59 -34.43 5.49 -11.60
N PHE B 60 -35.58 6.15 -11.52
CA PHE B 60 -36.87 5.54 -11.25
C PHE B 60 -37.72 5.60 -12.52
N ASP B 61 -37.94 4.45 -13.13
CA ASP B 61 -38.73 4.36 -14.36
C ASP B 61 -40.17 4.73 -14.06
N ASP B 62 -40.70 5.75 -14.74
CA ASP B 62 -42.12 6.06 -14.59
C ASP B 62 -42.90 6.01 -15.90
N SER B 63 -42.57 5.04 -16.74
CA SER B 63 -43.28 4.84 -18.00
C SER B 63 -44.65 4.22 -17.80
N SER B 64 -45.56 4.49 -18.75
CA SER B 64 -46.92 3.96 -18.73
C SER B 64 -46.94 2.44 -18.65
N SER B 65 -45.96 1.78 -19.25
CA SER B 65 -45.89 0.31 -19.21
C SER B 65 -45.97 -0.23 -17.78
N ILE B 66 -45.36 0.46 -16.82
CA ILE B 66 -45.41 0.04 -15.42
C ILE B 66 -46.83 0.04 -14.95
N GLN B 67 -47.53 1.16 -15.14
CA GLN B 67 -48.90 1.29 -14.61
C GLN B 67 -49.88 0.36 -15.31
N TYR B 68 -49.76 0.23 -16.62
CA TYR B 68 -50.61 -0.70 -17.37
C TYR B 68 -50.53 -2.11 -16.79
N ASP B 69 -49.31 -2.57 -16.56
CA ASP B 69 -49.07 -3.91 -16.03
C ASP B 69 -49.83 -4.15 -14.73
N ASN B 70 -49.68 -3.24 -13.78
CA ASN B 70 -50.38 -3.37 -12.52
C ASN B 70 -50.47 -2.07 -11.74
N LYS B 71 -51.64 -1.85 -11.16
CA LYS B 71 -51.98 -0.69 -10.36
C LYS B 71 -50.99 -0.47 -9.20
N GLU B 72 -50.53 -1.56 -8.59
CA GLU B 72 -49.69 -1.46 -7.39
C GLU B 72 -48.17 -1.43 -7.66
N ASN B 73 -47.76 -1.69 -8.90
CA ASN B 73 -46.34 -1.72 -9.24
C ASN B 73 -45.57 -0.53 -8.70
N TYR B 74 -46.12 0.69 -8.83
CA TYR B 74 -45.44 1.89 -8.39
C TYR B 74 -45.20 1.92 -6.88
N GLN B 75 -46.19 1.47 -6.11
CA GLN B 75 -46.03 1.48 -4.66
C GLN B 75 -44.97 0.47 -4.24
N MET B 76 -44.79 -0.57 -5.03
CA MET B 76 -43.77 -1.58 -4.73
C MET B 76 -42.36 -1.06 -5.03
N MET B 77 -42.20 -0.37 -6.15
CA MET B 77 -40.93 0.30 -6.43
C MET B 77 -40.60 1.28 -5.30
N LYS B 78 -41.57 2.11 -4.93
CA LYS B 78 -41.37 3.08 -3.85
C LYS B 78 -40.96 2.41 -2.55
N ASP B 79 -41.55 1.27 -2.24
CA ASP B 79 -41.23 0.57 -0.98
C ASP B 79 -39.82 -0.02 -1.05
N PHE B 80 -39.46 -0.58 -2.19
CA PHE B 80 -38.09 -1.04 -2.41
C PHE B 80 -37.09 0.06 -2.11
N VAL B 81 -37.39 1.27 -2.60
CA VAL B 81 -36.48 2.40 -2.45
C VAL B 81 -36.36 2.83 -0.99
N LYS B 82 -37.48 2.85 -0.28
CA LYS B 82 -37.49 3.23 1.13
C LYS B 82 -36.62 2.27 1.92
N GLU B 83 -36.71 0.98 1.62
CA GLU B 83 -35.90 -0.01 2.30
C GLU B 83 -34.41 0.29 2.07
N LEU B 84 -34.07 0.72 0.86
CA LEU B 84 -32.67 1.05 0.56
C LEU B 84 -32.23 2.21 1.42
N VAL B 85 -33.13 3.15 1.64
CA VAL B 85 -32.85 4.32 2.47
C VAL B 85 -32.51 3.88 3.89
N ASP B 86 -33.28 2.95 4.41
CA ASP B 86 -33.13 2.48 5.80
C ASP B 86 -31.92 1.59 5.97
N SER B 87 -31.28 1.23 4.86
CA SER B 87 -30.13 0.34 4.89
C SER B 87 -28.81 1.09 4.98
N PHE B 88 -28.85 2.41 4.77
CA PHE B 88 -27.65 3.23 4.85
C PHE B 88 -27.60 4.01 6.15
N THR B 89 -26.75 3.54 7.05
CA THR B 89 -26.72 3.99 8.43
C THR B 89 -26.39 5.46 8.59
N THR B 90 -25.62 6.01 7.65
CA THR B 90 -25.18 7.39 7.74
C THR B 90 -26.11 8.37 7.03
N VAL B 91 -27.19 7.85 6.43
CA VAL B 91 -28.20 8.74 5.87
C VAL B 91 -28.98 9.36 7.01
N GLY B 92 -28.94 10.69 7.11
CA GLY B 92 -29.60 11.36 8.20
C GLY B 92 -28.64 11.83 9.28
N VAL B 93 -27.38 11.44 9.13
CA VAL B 93 -26.36 11.83 10.09
C VAL B 93 -25.87 13.24 9.76
N ASN B 94 -26.07 14.14 10.72
CA ASN B 94 -25.57 15.51 10.61
C ASN B 94 -24.09 15.48 10.27
N GLY B 95 -23.67 16.33 9.33
CA GLY B 95 -22.28 16.35 8.90
C GLY B 95 -21.70 14.97 8.70
N GLY B 98 -22.21 12.04 6.74
CA GLY B 98 -23.59 11.94 6.31
C GLY B 98 -23.73 11.52 4.85
N SER B 99 -24.71 10.66 4.57
CA SER B 99 -25.01 10.26 3.20
C SER B 99 -26.32 10.90 2.73
N GLN B 100 -26.43 11.12 1.42
CA GLN B 100 -27.61 11.73 0.85
C GLN B 100 -28.31 10.83 -0.16
N PHE B 101 -29.60 11.12 -0.38
CA PHE B 101 -30.43 10.37 -1.29
C PHE B 101 -31.18 11.31 -2.24
N GLY B 102 -31.18 10.96 -3.53
CA GLY B 102 -31.93 11.70 -4.54
C GLY B 102 -32.68 10.75 -5.45
N VAL B 103 -33.79 11.19 -6.01
CA VAL B 103 -34.56 10.33 -6.89
C VAL B 103 -34.91 11.08 -8.17
N VAL B 104 -34.68 10.43 -9.29
CA VAL B 104 -34.88 11.03 -10.60
C VAL B 104 -35.81 10.15 -11.41
N GLN B 105 -36.96 10.70 -11.78
CA GLN B 105 -37.95 10.00 -12.60
C GLN B 105 -37.56 10.07 -14.08
N PHE B 106 -37.74 8.98 -14.81
CA PHE B 106 -37.44 8.97 -16.24
C PHE B 106 -38.37 8.04 -17.00
N SER B 107 -38.77 8.49 -18.18
CA SER B 107 -39.54 7.70 -19.14
C SER B 107 -39.54 8.54 -20.40
N GLN B 108 -40.57 9.38 -20.53
CA GLN B 108 -40.53 10.44 -21.50
C GLN B 108 -39.93 11.66 -20.82
N GLY B 109 -38.67 11.93 -21.16
CA GLY B 109 -37.92 12.95 -20.45
C GLY B 109 -37.61 12.54 -19.01
N VAL B 110 -37.21 13.51 -18.21
CA VAL B 110 -36.69 13.25 -16.89
C VAL B 110 -37.17 14.31 -15.94
N LYS B 111 -37.58 13.88 -14.75
CA LYS B 111 -37.98 14.79 -13.68
C LYS B 111 -37.27 14.41 -12.42
N THR B 112 -36.65 15.40 -11.78
CA THR B 112 -36.07 15.17 -10.47
C THR B 112 -37.15 15.23 -9.40
N ALA B 113 -37.42 14.11 -8.74
CA ALA B 113 -38.42 14.12 -7.66
C ALA B 113 -37.90 14.99 -6.54
N PHE B 114 -36.65 14.74 -6.14
CA PHE B 114 -35.96 15.59 -5.19
C PHE B 114 -34.45 15.43 -5.30
N PRO B 115 -33.70 16.50 -4.99
CA PRO B 115 -32.24 16.48 -5.02
C PRO B 115 -31.63 15.96 -3.73
N LEU B 116 -30.36 15.57 -3.80
CA LEU B 116 -29.61 15.06 -2.65
C LEU B 116 -29.82 15.95 -1.40
N ASN B 117 -29.77 17.26 -1.59
CA ASN B 117 -29.73 18.18 -0.46
C ASN B 117 -31.11 18.67 -0.03
N LYS B 118 -32.17 18.02 -0.51
CA LYS B 118 -33.51 18.42 -0.14
C LYS B 118 -33.83 17.97 1.27
N PHE B 119 -33.71 16.66 1.51
CA PHE B 119 -34.06 16.07 2.79
C PHE B 119 -32.82 15.68 3.60
N LYS B 120 -32.95 15.66 4.92
CA LYS B 120 -31.82 15.37 5.79
C LYS B 120 -32.14 14.32 6.87
N THR B 121 -33.25 13.62 6.70
CA THR B 121 -33.61 12.53 7.60
C THR B 121 -34.18 11.39 6.76
N LYS B 122 -34.01 10.16 7.21
CA LYS B 122 -34.53 9.01 6.48
C LYS B 122 -36.03 9.16 6.27
N GLU B 123 -36.75 9.62 7.29
CA GLU B 123 -38.20 9.71 7.23
C GLU B 123 -38.66 10.74 6.21
N ASP B 124 -38.00 11.89 6.18
CA ASP B 124 -38.34 12.92 5.22
C ASP B 124 -38.08 12.41 3.80
N ILE B 125 -36.98 11.68 3.64
CA ILE B 125 -36.67 11.05 2.36
C ILE B 125 -37.76 10.07 1.96
N LYS B 126 -38.17 9.22 2.90
CA LYS B 126 -39.17 8.20 2.60
C LYS B 126 -40.50 8.85 2.26
N LYS B 127 -40.78 9.99 2.87
CA LYS B 127 -41.98 10.76 2.57
C LYS B 127 -41.87 11.37 1.17
N GLY B 128 -40.66 11.79 0.80
CA GLY B 128 -40.42 12.31 -0.53
C GLY B 128 -40.62 11.23 -1.58
N ILE B 129 -40.12 10.03 -1.30
CA ILE B 129 -40.33 8.91 -2.21
C ILE B 129 -41.82 8.59 -2.36
N GLN B 130 -42.53 8.61 -1.24
CA GLN B 130 -43.98 8.35 -1.25
C GLN B 130 -44.77 9.45 -1.97
N ASP B 131 -44.28 10.68 -1.89
CA ASP B 131 -45.00 11.81 -2.48
C ASP B 131 -44.77 11.94 -4.01
N MET B 132 -43.86 11.14 -4.56
CA MET B 132 -43.58 11.24 -5.99
C MET B 132 -44.81 10.90 -6.83
N VAL B 133 -44.99 11.64 -7.93
CA VAL B 133 -46.03 11.31 -8.91
C VAL B 133 -45.41 10.81 -10.21
N PRO B 134 -45.52 9.50 -10.48
CA PRO B 134 -45.08 9.02 -11.79
C PRO B 134 -45.83 9.75 -12.90
N ARG B 135 -45.16 9.99 -14.01
CA ARG B 135 -45.74 10.75 -15.10
C ARG B 135 -46.37 9.86 -16.18
N ASN B 136 -46.05 8.57 -16.14
CA ASN B 136 -46.47 7.60 -17.16
C ASN B 136 -46.21 8.07 -18.58
N GLY B 137 -44.94 8.34 -18.88
CA GLY B 137 -44.55 8.72 -20.22
C GLY B 137 -44.61 7.56 -21.20
N GLY B 138 -44.79 7.88 -22.48
CA GLY B 138 -44.90 6.87 -23.52
C GLY B 138 -43.57 6.51 -24.18
N GLN B 139 -42.47 6.75 -23.48
CA GLN B 139 -41.14 6.37 -23.95
C GLN B 139 -40.31 5.88 -22.76
N THR B 140 -39.20 5.22 -23.05
CA THR B 140 -38.26 4.82 -22.00
C THR B 140 -36.86 5.34 -22.32
N GLU B 141 -36.54 6.52 -21.81
CA GLU B 141 -35.27 7.18 -22.16
C GLU B 141 -34.20 6.95 -21.11
N ILE B 142 -33.66 5.73 -21.05
CA ILE B 142 -32.62 5.39 -20.09
C ILE B 142 -31.40 6.31 -20.23
N GLY B 143 -30.93 6.50 -21.45
CA GLY B 143 -29.78 7.33 -21.69
C GLY B 143 -29.98 8.77 -21.21
N THR B 144 -31.16 9.31 -21.50
CA THR B 144 -31.49 10.69 -21.09
C THR B 144 -31.48 10.81 -19.56
N GLY B 145 -31.98 9.77 -18.88
CA GLY B 145 -31.91 9.72 -17.43
C GLY B 145 -30.47 9.71 -16.91
N LEU B 146 -29.61 8.92 -17.55
CA LEU B 146 -28.20 8.84 -17.14
C LEU B 146 -27.47 10.16 -17.38
N LYS B 147 -27.73 10.76 -18.53
CA LYS B 147 -27.21 12.07 -18.87
C LYS B 147 -27.60 13.09 -17.80
N HIS B 148 -28.88 13.09 -17.44
CA HIS B 148 -29.40 14.02 -16.45
C HIS B 148 -28.72 13.84 -15.10
N VAL B 149 -28.47 12.58 -14.75
CA VAL B 149 -27.85 12.26 -13.47
C VAL B 149 -26.43 12.79 -13.46
N ARG B 150 -25.72 12.64 -14.58
CA ARG B 150 -24.35 13.08 -14.66
C ARG B 150 -24.28 14.61 -14.60
N GLU B 151 -25.07 15.25 -15.44
CA GLU B 151 -25.03 16.70 -15.60
C GLU B 151 -25.60 17.46 -14.42
N ASN B 152 -26.60 16.89 -13.77
CA ASN B 152 -27.35 17.60 -12.72
C ASN B 152 -27.28 16.96 -11.34
N SER B 153 -27.55 15.66 -11.27
CA SER B 153 -27.87 15.04 -9.99
C SER B 153 -26.73 14.99 -8.97
N PHE B 154 -25.48 14.94 -9.45
CA PHE B 154 -24.30 14.93 -8.58
C PHE B 154 -23.59 16.30 -8.57
N SER B 155 -24.25 17.33 -9.10
CA SER B 155 -23.61 18.63 -9.19
C SER B 155 -23.65 19.30 -7.81
N GLY B 156 -22.76 20.27 -7.60
CA GLY B 156 -22.76 21.02 -6.37
C GLY B 156 -24.13 21.64 -6.12
N ALA B 157 -24.75 22.11 -7.19
CA ALA B 157 -26.01 22.83 -7.10
C ALA B 157 -27.09 21.95 -6.47
N GLU B 158 -26.93 20.63 -6.56
CA GLU B 158 -27.92 19.74 -6.00
C GLU B 158 -27.42 18.99 -4.77
N GLY B 159 -26.23 19.36 -4.28
CA GLY B 159 -25.69 18.78 -3.06
C GLY B 159 -24.55 17.78 -3.27
N GLY B 160 -24.23 17.50 -4.51
CA GLY B 160 -23.16 16.54 -4.81
C GLY B 160 -21.81 17.21 -4.83
N GLY B 161 -20.76 16.44 -5.09
CA GLY B 161 -19.44 17.01 -5.28
C GLY B 161 -18.41 16.71 -4.20
N ASN B 162 -18.88 16.44 -2.99
CA ASN B 162 -18.00 16.12 -1.87
C ASN B 162 -17.09 14.93 -2.20
N PRO B 163 -15.75 15.14 -2.16
CA PRO B 163 -14.75 14.11 -2.48
C PRO B 163 -14.73 12.91 -1.54
N ASP B 164 -15.33 13.03 -0.36
CA ASP B 164 -15.33 11.94 0.61
C ASP B 164 -16.54 11.01 0.44
N LYS B 165 -17.33 11.24 -0.60
CA LYS B 165 -18.58 10.50 -0.77
C LYS B 165 -18.51 9.62 -2.01
N GLN B 166 -18.92 8.37 -1.89
CA GLN B 166 -19.02 7.51 -3.04
C GLN B 166 -20.26 7.92 -3.79
N LYS B 167 -20.16 8.02 -5.11
CA LYS B 167 -21.31 8.32 -5.94
C LYS B 167 -21.92 7.02 -6.47
N ILE B 168 -23.19 6.77 -6.15
CA ILE B 168 -23.85 5.55 -6.54
C ILE B 168 -25.16 5.84 -7.26
N VAL B 169 -25.39 5.15 -8.37
CA VAL B 169 -26.62 5.24 -9.12
C VAL B 169 -27.26 3.88 -9.20
N ILE B 170 -28.54 3.82 -8.82
CA ILE B 170 -29.33 2.60 -8.93
C ILE B 170 -30.46 2.84 -9.92
N LEU B 171 -30.34 2.19 -11.08
CA LEU B 171 -31.33 2.25 -12.15
C LEU B 171 -32.33 1.11 -12.05
N MET B 172 -33.62 1.45 -12.11
CA MET B 172 -34.71 0.46 -12.19
C MET B 172 -35.50 0.65 -13.48
N THR B 173 -35.74 -0.43 -14.22
CA THR B 173 -36.44 -0.35 -15.50
C THR B 173 -37.18 -1.65 -15.80
N ASP B 174 -38.25 -1.55 -16.58
CA ASP B 174 -39.00 -2.73 -16.97
C ASP B 174 -38.91 -2.88 -18.47
N GLY B 175 -38.03 -2.09 -19.07
CA GLY B 175 -37.97 -2.02 -20.52
C GLY B 175 -36.62 -1.59 -21.03
N LYS B 176 -36.46 -1.67 -22.34
CA LYS B 176 -35.23 -1.26 -23.00
C LYS B 176 -35.35 0.19 -23.40
N SER B 177 -34.21 0.86 -23.49
CA SER B 177 -34.21 2.24 -23.90
C SER B 177 -34.70 2.28 -25.35
N ASN B 178 -35.61 3.20 -25.66
CA ASN B 178 -36.22 3.24 -26.99
C ASN B 178 -36.41 4.67 -27.47
N ALA B 179 -35.64 5.58 -26.92
CA ALA B 179 -35.70 6.98 -27.34
C ALA B 179 -34.64 7.71 -26.59
N GLY B 180 -34.25 8.88 -27.10
CA GLY B 180 -33.39 9.78 -26.35
C GLY B 180 -31.92 9.49 -26.49
N ALA B 181 -31.09 10.12 -25.65
CA ALA B 181 -29.67 9.88 -25.69
C ALA B 181 -29.43 8.38 -25.63
N PRO B 182 -28.47 7.89 -26.40
CA PRO B 182 -28.09 6.47 -26.38
C PRO B 182 -27.38 6.12 -25.06
N PRO B 183 -27.91 5.14 -24.31
CA PRO B 183 -27.54 4.91 -22.91
C PRO B 183 -26.07 4.53 -22.73
N GLN B 184 -25.53 3.78 -23.68
CA GLN B 184 -24.21 3.20 -23.55
C GLN B 184 -23.17 4.32 -23.40
N HIS B 185 -23.30 5.34 -24.23
CA HIS B 185 -22.35 6.45 -24.22
C HIS B 185 -22.47 7.25 -22.93
N GLU B 186 -23.70 7.49 -22.53
CA GLU B 186 -23.99 8.27 -21.34
C GLU B 186 -23.56 7.55 -20.08
N ALA B 187 -23.69 6.23 -20.07
CA ALA B 187 -23.21 5.40 -18.97
C ALA B 187 -21.68 5.52 -18.89
N HIS B 188 -21.05 5.46 -20.05
CA HIS B 188 -19.61 5.56 -20.14
C HIS B 188 -19.12 6.85 -19.48
N LYS B 189 -19.71 7.96 -19.90
CA LYS B 189 -19.30 9.26 -19.37
C LYS B 189 -19.57 9.35 -17.88
N LEU B 190 -20.68 8.76 -17.44
CA LEU B 190 -21.06 8.87 -16.04
C LEU B 190 -20.07 8.11 -15.15
N LYS B 191 -19.80 6.86 -15.49
CA LYS B 191 -18.86 6.04 -14.72
C LYS B 191 -17.46 6.64 -14.69
N ALA B 192 -17.08 7.35 -15.74
CA ALA B 192 -15.79 8.02 -15.80
C ALA B 192 -15.61 9.05 -14.69
N GLU B 193 -16.73 9.54 -14.14
CA GLU B 193 -16.71 10.53 -13.06
C GLU B 193 -16.69 9.90 -11.67
N GLY B 194 -16.32 8.63 -11.60
CA GLY B 194 -16.27 7.95 -10.31
C GLY B 194 -17.61 7.43 -9.81
N VAL B 195 -18.51 7.08 -10.72
CA VAL B 195 -19.83 6.62 -10.28
C VAL B 195 -19.97 5.09 -10.38
N THR B 196 -20.57 4.50 -9.34
CA THR B 196 -20.94 3.09 -9.36
C THR B 196 -22.37 3.00 -9.89
N VAL B 197 -22.60 2.19 -10.90
CA VAL B 197 -23.93 2.03 -11.46
C VAL B 197 -24.43 0.61 -11.28
N ILE B 198 -25.54 0.49 -10.56
CA ILE B 198 -26.27 -0.76 -10.40
C ILE B 198 -27.54 -0.67 -11.24
N ALA B 199 -27.85 -1.75 -11.94
CA ALA B 199 -28.98 -1.75 -12.85
C ALA B 199 -29.91 -2.89 -12.53
N ILE B 200 -31.19 -2.58 -12.38
CA ILE B 200 -32.21 -3.58 -12.06
C ILE B 200 -33.25 -3.66 -13.18
N GLY B 201 -33.39 -4.85 -13.74
CA GLY B 201 -34.39 -5.10 -14.76
C GLY B 201 -35.55 -5.88 -14.17
N ILE B 202 -36.76 -5.43 -14.45
CA ILE B 202 -37.95 -6.06 -13.90
C ILE B 202 -38.87 -6.54 -15.02
N GLY B 203 -39.10 -7.86 -15.07
CA GLY B 203 -40.03 -8.43 -16.01
C GLY B 203 -39.38 -9.04 -17.23
N GLN B 204 -39.93 -8.73 -18.41
CA GLN B 204 -39.48 -9.32 -19.67
C GLN B 204 -39.10 -8.28 -20.73
N GLY B 205 -39.48 -7.03 -20.52
CA GLY B 205 -39.39 -6.02 -21.56
C GLY B 205 -38.04 -5.33 -21.64
N PHE B 206 -37.21 -5.53 -20.62
CA PHE B 206 -35.86 -4.96 -20.62
C PHE B 206 -34.90 -5.87 -21.38
N VAL B 207 -33.75 -5.33 -21.75
CA VAL B 207 -32.71 -6.10 -22.43
C VAL B 207 -31.51 -6.24 -21.49
N LYS B 208 -31.22 -7.47 -21.07
CA LYS B 208 -30.14 -7.70 -20.12
C LYS B 208 -28.78 -7.17 -20.62
N THR B 209 -28.46 -7.40 -21.89
CA THR B 209 -27.18 -6.92 -22.45
C THR B 209 -27.04 -5.40 -22.36
N GLU B 210 -28.15 -4.68 -22.55
CA GLU B 210 -28.14 -3.22 -22.45
C GLU B 210 -27.74 -2.82 -21.04
N LEU B 211 -28.31 -3.50 -20.06
CA LEU B 211 -28.05 -3.18 -18.66
C LEU B 211 -26.60 -3.50 -18.29
N GLU B 212 -26.07 -4.55 -18.88
CA GLU B 212 -24.70 -4.99 -18.62
C GLU B 212 -23.64 -3.98 -19.09
N GLN B 213 -23.90 -3.26 -20.17
CA GLN B 213 -22.92 -2.26 -20.61
C GLN B 213 -23.16 -0.89 -19.97
N ILE B 214 -24.31 -0.74 -19.30
CA ILE B 214 -24.58 0.43 -18.47
C ILE B 214 -23.96 0.29 -17.08
N ALA B 215 -24.20 -0.84 -16.43
CA ALA B 215 -23.73 -1.07 -15.07
C ALA B 215 -22.20 -1.08 -14.96
N THR B 216 -21.70 -0.95 -13.73
CA THR B 216 -20.26 -0.92 -13.48
C THR B 216 -19.58 -2.18 -14.00
N MET B 217 -20.21 -3.32 -13.72
CA MET B 217 -19.73 -4.63 -14.18
C MET B 217 -20.96 -5.52 -14.38
N LYS B 218 -20.80 -6.66 -15.03
CA LYS B 218 -21.97 -7.47 -15.37
C LYS B 218 -22.74 -7.91 -14.13
N ASN B 219 -22.01 -8.11 -13.04
CA ASN B 219 -22.63 -8.60 -11.82
C ASN B 219 -23.34 -7.50 -11.05
N TYR B 220 -23.29 -6.27 -11.57
CA TYR B 220 -24.04 -5.15 -10.99
C TYR B 220 -25.40 -5.01 -11.66
N VAL B 221 -25.77 -6.02 -12.44
CA VAL B 221 -27.10 -6.09 -13.02
C VAL B 221 -27.92 -7.12 -12.27
N LEU B 222 -29.10 -6.71 -11.83
CA LEU B 222 -29.99 -7.59 -11.13
C LEU B 222 -31.31 -7.64 -11.91
N THR B 223 -31.84 -8.85 -12.06
CA THR B 223 -33.15 -9.02 -12.69
C THR B 223 -34.09 -9.73 -11.74
N THR B 224 -35.38 -9.37 -11.83
CA THR B 224 -36.43 -10.09 -11.11
C THR B 224 -37.61 -10.27 -12.05
N ASN B 225 -38.40 -11.31 -11.83
CA ASN B 225 -39.52 -11.63 -12.70
C ASN B 225 -40.67 -10.65 -12.58
N SER B 226 -40.85 -10.10 -11.38
CA SER B 226 -41.99 -9.25 -11.13
C SER B 226 -41.65 -8.16 -10.14
N PHE B 227 -42.44 -7.10 -10.15
CA PHE B 227 -42.30 -5.99 -9.22
C PHE B 227 -42.54 -6.44 -7.78
N SER B 228 -43.30 -7.52 -7.63
CA SER B 228 -43.61 -8.04 -6.30
C SER B 228 -42.43 -8.84 -5.74
N GLU B 229 -41.53 -9.25 -6.62
CA GLU B 229 -40.32 -9.97 -6.23
C GLU B 229 -39.12 -9.04 -6.09
N LEU B 230 -39.35 -7.73 -6.20
CA LEU B 230 -38.25 -6.76 -6.15
C LEU B 230 -37.55 -6.83 -4.80
N SER B 231 -38.34 -7.02 -3.75
CA SER B 231 -37.84 -7.02 -2.39
C SER B 231 -36.77 -8.08 -2.18
N THR B 232 -36.78 -9.09 -3.05
CA THR B 232 -35.79 -10.16 -2.99
C THR B 232 -34.39 -9.72 -3.44
N LEU B 233 -34.26 -8.53 -4.03
CA LEU B 233 -32.95 -8.06 -4.50
C LEU B 233 -32.27 -7.13 -3.52
N LEU B 234 -32.94 -6.85 -2.41
CA LEU B 234 -32.50 -5.82 -1.48
C LEU B 234 -31.08 -6.06 -0.96
N LYS B 235 -30.84 -7.29 -0.50
CA LYS B 235 -29.55 -7.65 0.07
C LYS B 235 -28.45 -7.49 -0.99
N LEU B 236 -28.74 -7.97 -2.19
CA LEU B 236 -27.80 -7.93 -3.30
C LEU B 236 -27.44 -6.50 -3.74
N VAL B 237 -28.42 -5.61 -3.84
CA VAL B 237 -28.09 -4.23 -4.24
C VAL B 237 -27.29 -3.49 -3.16
N ILE B 238 -27.63 -3.70 -1.90
CA ILE B 238 -26.85 -3.11 -0.81
C ILE B 238 -25.41 -3.62 -0.85
N ASP B 239 -25.25 -4.92 -1.03
CA ASP B 239 -23.93 -5.51 -1.12
C ASP B 239 -23.14 -4.79 -2.20
N LEU B 240 -23.71 -4.70 -3.40
CA LEU B 240 -23.10 -4.00 -4.52
C LEU B 240 -22.88 -2.51 -4.23
N ALA B 241 -23.83 -1.90 -3.55
CA ALA B 241 -23.74 -0.47 -3.27
C ALA B 241 -22.60 -0.23 -2.28
N CYS B 242 -22.35 -1.20 -1.41
CA CYS B 242 -21.35 -1.08 -0.35
C CYS B 242 -19.98 -1.62 -0.80
N GLU B 243 -19.90 -2.06 -2.04
CA GLU B 243 -18.68 -2.57 -2.62
C GLU B 243 -17.82 -1.38 -3.06
N VAL B 244 -16.66 -1.20 -2.42
CA VAL B 244 -15.74 -0.13 -2.79
C VAL B 244 -14.59 -0.67 -3.62
N CYS B 245 -14.51 -0.20 -4.85
CA CYS B 245 -13.40 -0.54 -5.71
C CYS B 245 -12.47 0.65 -5.84
N VAL B 246 -11.18 0.40 -5.64
CA VAL B 246 -10.14 1.41 -5.62
C VAL B 246 -9.02 0.96 -6.57
N VAL B 247 -8.24 1.89 -7.11
CA VAL B 247 -7.03 1.52 -7.85
C VAL B 247 -5.85 1.44 -6.90
N ASP B 248 -5.37 0.23 -6.63
CA ASP B 248 -4.30 0.03 -5.65
C ASP B 248 -3.30 -1.01 -6.14
N CYS B 249 -2.20 -0.53 -6.71
CA CYS B 249 -1.16 -1.39 -7.23
C CYS B 249 -0.27 -1.96 -6.12
N ALA B 250 -0.68 -1.77 -4.88
CA ALA B 250 0.09 -2.25 -3.73
C ALA B 250 -0.81 -3.06 -2.81
N GLY B 251 -1.94 -3.51 -3.34
CA GLY B 251 -2.85 -4.30 -2.55
C GLY B 251 -2.42 -5.75 -2.58
N HIS B 252 -3.10 -6.58 -1.82
CA HIS B 252 -3.00 -8.01 -2.02
C HIS B 252 -3.90 -8.39 -3.20
N ALA B 253 -3.30 -8.96 -4.24
CA ALA B 253 -4.06 -9.41 -5.41
C ALA B 253 -3.42 -10.65 -6.05
N ASP B 254 -4.27 -11.51 -6.61
CA ASP B 254 -3.83 -12.67 -7.40
C ASP B 254 -4.17 -12.42 -8.87
N ILE B 255 -3.14 -12.33 -9.71
CA ILE B 255 -3.30 -11.91 -11.10
C ILE B 255 -2.84 -12.99 -12.07
N ALA B 256 -3.76 -13.42 -12.94
CA ALA B 256 -3.46 -14.45 -13.93
C ALA B 256 -3.41 -13.89 -15.34
N PHE B 257 -2.26 -14.07 -15.98
CA PHE B 257 -2.18 -13.82 -17.41
C PHE B 257 -2.67 -15.08 -18.10
N VAL B 258 -3.66 -14.91 -18.97
CA VAL B 258 -4.18 -16.02 -19.76
C VAL B 258 -4.00 -15.59 -21.20
N PHE B 259 -2.91 -16.06 -21.79
CA PHE B 259 -2.42 -15.50 -23.04
C PHE B 259 -2.28 -16.52 -24.18
N ASP B 260 -2.57 -16.01 -25.38
CA ASP B 260 -2.50 -16.74 -26.64
C ASP B 260 -1.09 -17.26 -26.85
N ALA B 261 -0.97 -18.54 -27.22
CA ALA B 261 0.33 -19.12 -27.56
C ALA B 261 0.27 -19.78 -28.93
N SER B 262 -0.69 -19.36 -29.75
CA SER B 262 -0.83 -19.89 -31.10
C SER B 262 0.33 -19.50 -31.98
N SER B 263 0.66 -20.39 -32.90
CA SER B 263 1.67 -20.15 -33.93
C SER B 263 1.35 -18.94 -34.81
N SER B 264 0.11 -18.49 -34.77
CA SER B 264 -0.33 -17.38 -35.60
C SER B 264 0.29 -16.05 -35.17
N ILE B 265 0.64 -15.94 -33.89
CA ILE B 265 1.16 -14.67 -33.37
C ILE B 265 2.37 -14.17 -34.14
N ASN B 266 3.32 -15.06 -34.40
CA ASN B 266 4.55 -14.70 -35.13
C ASN B 266 4.46 -14.99 -36.63
N ALA B 267 3.24 -15.25 -37.11
CA ALA B 267 3.03 -15.64 -38.51
C ALA B 267 3.55 -14.58 -39.47
N ASN B 268 3.34 -13.32 -39.13
CA ASN B 268 3.70 -12.22 -40.01
C ASN B 268 4.67 -11.22 -39.37
N ASN B 269 5.22 -11.58 -38.22
CA ASN B 269 6.31 -10.84 -37.63
C ASN B 269 6.82 -11.54 -36.38
N PRO B 270 8.05 -12.08 -36.45
CA PRO B 270 8.65 -12.89 -35.38
C PRO B 270 8.98 -12.12 -34.10
N ASN B 271 8.77 -10.81 -34.11
CA ASN B 271 8.99 -10.01 -32.92
C ASN B 271 7.71 -9.91 -32.07
N ASN B 272 6.58 -10.31 -32.65
CA ASN B 272 5.29 -10.17 -31.97
C ASN B 272 5.21 -10.88 -30.60
N TYR B 273 5.57 -12.15 -30.54
CA TYR B 273 5.43 -12.87 -29.28
C TYR B 273 6.22 -12.17 -28.18
N GLN B 274 7.46 -11.81 -28.49
CA GLN B 274 8.29 -11.06 -27.56
C GLN B 274 7.65 -9.73 -27.13
N LEU B 275 6.93 -9.08 -28.03
CA LEU B 275 6.27 -7.82 -27.67
C LEU B 275 5.13 -8.08 -26.71
N MET B 276 4.44 -9.19 -26.90
CA MET B 276 3.36 -9.54 -25.99
C MET B 276 3.94 -9.91 -24.62
N LYS B 277 5.03 -10.67 -24.61
CA LYS B 277 5.71 -10.96 -23.36
C LYS B 277 6.17 -9.69 -22.62
N ASN B 278 6.71 -8.72 -23.35
CA ASN B 278 7.20 -7.49 -22.70
C ASN B 278 6.02 -6.71 -22.12
N PHE B 279 4.91 -6.74 -22.84
CA PHE B 279 3.67 -6.17 -22.35
C PHE B 279 3.35 -6.73 -20.97
N MET B 280 3.37 -8.05 -20.86
CA MET B 280 3.09 -8.68 -19.57
C MET B 280 4.11 -8.27 -18.51
N LYS B 281 5.38 -8.34 -18.87
CA LYS B 281 6.48 -7.98 -17.97
C LYS B 281 6.35 -6.54 -17.48
N ASP B 282 5.90 -5.64 -18.34
CA ASP B 282 5.75 -4.24 -17.98
C ASP B 282 4.63 -4.07 -16.96
N ILE B 283 3.57 -4.86 -17.11
CA ILE B 283 2.47 -4.86 -16.17
C ILE B 283 2.94 -5.33 -14.79
N VAL B 284 3.67 -6.44 -14.76
CA VAL B 284 4.23 -6.93 -13.52
C VAL B 284 5.03 -5.83 -12.81
N ASP B 285 5.83 -5.08 -13.57
CA ASP B 285 6.65 -4.02 -12.98
C ASP B 285 5.87 -2.92 -12.29
N ARG B 286 4.60 -2.72 -12.67
CA ARG B 286 3.79 -1.65 -12.09
CA ARG B 286 3.79 -1.66 -12.09
C ARG B 286 3.26 -2.01 -10.70
N PHE B 287 3.41 -3.26 -10.29
CA PHE B 287 2.96 -3.63 -8.93
C PHE B 287 4.08 -3.43 -7.92
N ASN B 288 3.70 -3.00 -6.72
CA ASN B 288 4.65 -2.54 -5.72
C ASN B 288 5.50 -3.65 -5.15
N LYS B 289 4.86 -4.79 -4.87
CA LYS B 289 5.55 -5.92 -4.28
C LYS B 289 4.86 -7.21 -4.70
N THR B 290 5.67 -8.16 -5.14
CA THR B 290 5.16 -9.46 -5.56
C THR B 290 5.34 -10.47 -4.46
N GLY B 291 4.65 -11.60 -4.59
CA GLY B 291 4.74 -12.66 -3.61
C GLY B 291 3.56 -12.66 -2.65
N PRO B 292 3.63 -13.54 -1.66
CA PRO B 292 2.59 -13.80 -0.67
C PRO B 292 2.18 -12.56 0.13
N ASP B 293 3.00 -11.53 0.17
CA ASP B 293 2.67 -10.34 0.94
C ASP B 293 2.15 -9.22 0.07
N GLY B 294 2.09 -9.46 -1.24
CA GLY B 294 1.65 -8.45 -2.18
C GLY B 294 0.94 -9.09 -3.34
N THR B 295 1.49 -8.92 -4.54
CA THR B 295 0.87 -9.39 -5.76
C THR B 295 1.46 -10.72 -6.17
N GLN B 296 0.60 -11.70 -6.38
CA GLN B 296 1.02 -12.98 -6.95
C GLN B 296 0.57 -13.10 -8.39
N PHE B 297 1.42 -13.68 -9.21
CA PHE B 297 1.18 -13.77 -10.63
C PHE B 297 1.14 -15.22 -11.09
N ALA B 298 0.33 -15.47 -12.11
CA ALA B 298 0.25 -16.79 -12.72
C ALA B 298 0.17 -16.60 -14.21
N VAL B 299 0.63 -17.60 -14.95
CA VAL B 299 0.48 -17.60 -16.41
C VAL B 299 -0.14 -18.91 -16.91
N VAL B 300 -1.21 -18.75 -17.69
CA VAL B 300 -1.84 -19.83 -18.42
C VAL B 300 -1.76 -19.46 -19.91
N THR B 301 -1.34 -20.40 -20.74
CA THR B 301 -1.32 -20.16 -22.16
C THR B 301 -2.26 -21.09 -22.90
N PHE B 302 -2.74 -20.66 -24.06
CA PHE B 302 -3.67 -21.46 -24.83
C PHE B 302 -3.32 -21.45 -26.30
N ALA B 303 -3.47 -22.63 -26.89
CA ALA B 303 -3.37 -22.81 -28.32
C ALA B 303 -4.57 -23.68 -28.69
N ASP B 304 -4.35 -24.92 -29.12
CA ASP B 304 -5.48 -25.82 -29.33
C ASP B 304 -6.09 -26.19 -27.98
N ARG B 305 -5.26 -26.22 -26.94
CA ARG B 305 -5.72 -26.50 -25.58
C ARG B 305 -5.06 -25.50 -24.64
N ALA B 306 -5.11 -25.73 -23.34
CA ALA B 306 -4.55 -24.78 -22.38
C ALA B 306 -3.53 -25.44 -21.45
N THR B 307 -2.55 -24.64 -21.00
CA THR B 307 -1.45 -25.13 -20.17
C THR B 307 -1.08 -24.13 -19.08
N LYS B 308 -1.08 -24.58 -17.83
CA LYS B 308 -0.58 -23.75 -16.74
C LYS B 308 0.93 -23.73 -16.74
N GLN B 309 1.51 -22.58 -17.03
CA GLN B 309 2.96 -22.42 -17.09
C GLN B 309 3.54 -22.22 -15.68
N PHE B 310 2.93 -21.31 -14.93
CA PHE B 310 3.23 -21.21 -13.51
C PHE B 310 2.04 -20.72 -12.72
N GLY B 311 1.88 -21.29 -11.54
CA GLY B 311 0.85 -20.89 -10.60
C GLY B 311 1.31 -19.74 -9.72
N LEU B 312 0.40 -19.23 -8.91
CA LEU B 312 0.60 -18.06 -8.10
C LEU B 312 1.70 -18.24 -7.03
N LYS B 313 1.95 -19.48 -6.64
CA LYS B 313 2.86 -19.77 -5.53
C LYS B 313 4.27 -20.09 -5.99
N ASP B 314 4.46 -20.19 -7.29
CA ASP B 314 5.78 -20.53 -7.82
C ASP B 314 6.83 -19.49 -7.46
N TYR B 315 6.44 -18.21 -7.53
CA TYR B 315 7.40 -17.12 -7.50
C TYR B 315 7.00 -15.99 -6.58
N SER B 316 8.01 -15.37 -5.96
CA SER B 316 7.77 -14.23 -5.09
C SER B 316 8.56 -12.97 -5.52
N SER B 317 9.51 -13.12 -6.44
CA SER B 317 10.29 -11.97 -6.89
C SER B 317 9.89 -11.56 -8.30
N LYS B 318 9.93 -10.26 -8.57
CA LYS B 318 9.60 -9.75 -9.89
C LYS B 318 10.54 -10.31 -10.94
N ALA B 319 11.82 -10.45 -10.59
CA ALA B 319 12.80 -10.99 -11.53
C ALA B 319 12.43 -12.40 -11.97
N ASP B 320 11.95 -13.22 -11.03
CA ASP B 320 11.64 -14.61 -11.34
C ASP B 320 10.38 -14.69 -12.21
N ILE B 321 9.39 -13.87 -11.86
CA ILE B 321 8.15 -13.81 -12.62
C ILE B 321 8.43 -13.37 -14.06
N LYS B 322 9.14 -12.26 -14.21
CA LYS B 322 9.52 -11.79 -15.55
C LYS B 322 10.38 -12.79 -16.32
N GLY B 323 11.37 -13.38 -15.67
CA GLY B 323 12.14 -14.44 -16.30
C GLY B 323 11.25 -15.63 -16.69
N ALA B 324 10.27 -15.95 -15.86
CA ALA B 324 9.38 -17.07 -16.15
C ALA B 324 8.57 -16.79 -17.41
N ILE B 325 8.12 -15.56 -17.54
CA ILE B 325 7.35 -15.15 -18.70
C ILE B 325 8.18 -15.28 -19.97
N ASP B 326 9.44 -14.88 -19.89
CA ASP B 326 10.32 -14.88 -21.06
C ASP B 326 10.62 -16.30 -21.56
N LYS B 327 10.44 -17.28 -20.69
CA LYS B 327 10.69 -18.67 -21.05
C LYS B 327 9.52 -19.28 -21.80
N VAL B 328 8.35 -18.64 -21.73
CA VAL B 328 7.15 -19.12 -22.42
C VAL B 328 7.33 -19.15 -23.92
N THR B 329 7.01 -20.29 -24.55
CA THR B 329 7.20 -20.46 -25.99
C THR B 329 5.90 -20.80 -26.68
N PRO B 330 5.74 -20.37 -27.94
CA PRO B 330 4.53 -20.63 -28.72
C PRO B 330 4.35 -22.10 -29.07
N SER B 331 3.11 -22.47 -29.35
CA SER B 331 2.76 -23.75 -29.93
C SER B 331 3.01 -23.68 -31.43
N ILE B 332 3.19 -24.82 -32.06
CA ILE B 332 3.21 -24.84 -33.52
C ILE B 332 1.82 -25.09 -34.07
N ILE B 333 0.80 -24.99 -33.23
CA ILE B 333 -0.59 -25.14 -33.65
C ILE B 333 -1.29 -23.79 -33.78
N GLY B 334 -1.98 -23.60 -34.90
CA GLY B 334 -2.70 -22.36 -35.17
C GLY B 334 -4.13 -22.40 -34.67
N GLN B 335 -4.29 -22.27 -33.35
CA GLN B 335 -5.60 -22.34 -32.72
C GLN B 335 -5.59 -21.51 -31.44
N THR B 336 -6.75 -21.00 -31.02
CA THR B 336 -6.83 -20.16 -29.84
C THR B 336 -7.97 -20.55 -28.90
N ALA B 337 -7.69 -21.53 -28.03
CA ALA B 337 -8.70 -22.05 -27.12
C ALA B 337 -8.89 -21.14 -25.90
N ILE B 338 -9.51 -19.99 -26.13
CA ILE B 338 -9.83 -19.02 -25.09
C ILE B 338 -10.60 -19.67 -23.93
N GLY B 339 -11.56 -20.54 -24.26
CA GLY B 339 -12.37 -21.20 -23.25
C GLY B 339 -11.55 -22.08 -22.33
N ASP B 340 -10.65 -22.86 -22.93
CA ASP B 340 -9.73 -23.72 -22.19
C ASP B 340 -8.80 -22.91 -21.28
N GLY B 341 -8.29 -21.79 -21.82
CA GLY B 341 -7.53 -20.85 -21.01
C GLY B 341 -8.27 -20.46 -19.75
N LEU B 342 -9.51 -20.05 -19.91
CA LEU B 342 -10.33 -19.58 -18.79
C LEU B 342 -10.67 -20.72 -17.83
N GLU B 343 -10.93 -21.90 -18.39
CA GLU B 343 -11.20 -23.08 -17.56
C GLU B 343 -9.98 -23.41 -16.70
N ASN B 344 -8.83 -23.38 -17.32
CA ASN B 344 -7.58 -23.70 -16.62
C ASN B 344 -7.34 -22.72 -15.46
N ALA B 345 -7.45 -21.43 -15.71
CA ALA B 345 -7.32 -20.44 -14.63
C ALA B 345 -8.27 -20.78 -13.49
N ARG B 346 -9.50 -21.14 -13.82
CA ARG B 346 -10.51 -21.39 -12.78
C ARG B 346 -10.19 -22.63 -11.94
N LEU B 347 -9.71 -23.67 -12.61
CA LEU B 347 -9.56 -24.96 -11.95
C LEU B 347 -8.16 -25.17 -11.40
N GLU B 348 -7.17 -24.52 -12.00
CA GLU B 348 -5.78 -24.78 -11.66
C GLU B 348 -5.04 -23.58 -11.04
N VAL B 349 -5.60 -22.38 -11.15
CA VAL B 349 -4.90 -21.20 -10.65
C VAL B 349 -5.50 -20.63 -9.36
N PHE B 350 -6.79 -20.34 -9.37
CA PHE B 350 -7.40 -19.60 -8.26
C PHE B 350 -7.78 -20.39 -6.99
N PRO B 351 -8.27 -21.63 -7.14
CA PRO B 351 -8.73 -22.33 -5.93
C PRO B 351 -7.65 -22.45 -4.87
N GLU B 360 -10.08 -14.42 -0.15
CA GLU B 360 -9.67 -13.35 0.76
C GLU B 360 -8.99 -12.21 0.01
N VAL B 361 -8.53 -12.47 -1.20
CA VAL B 361 -7.74 -11.52 -1.97
C VAL B 361 -8.40 -11.23 -3.31
N GLN B 362 -8.12 -10.05 -3.87
CA GLN B 362 -8.67 -9.66 -5.17
C GLN B 362 -8.09 -10.48 -6.31
N LYS B 363 -8.97 -11.04 -7.14
CA LYS B 363 -8.55 -11.88 -8.26
C LYS B 363 -8.81 -11.21 -9.59
N VAL B 364 -7.84 -11.29 -10.49
CA VAL B 364 -7.92 -10.63 -11.79
C VAL B 364 -7.45 -11.60 -12.86
N VAL B 365 -8.17 -11.68 -13.97
CA VAL B 365 -7.64 -12.35 -15.15
C VAL B 365 -7.39 -11.31 -16.22
N ILE B 366 -6.23 -11.41 -16.86
CA ILE B 366 -5.94 -10.57 -18.00
C ILE B 366 -5.69 -11.47 -19.18
N LEU B 367 -6.60 -11.42 -20.16
CA LEU B 367 -6.65 -12.34 -21.27
C LEU B 367 -6.30 -11.64 -22.59
N LEU B 368 -5.39 -12.24 -23.36
CA LEU B 368 -5.04 -11.71 -24.66
C LEU B 368 -5.19 -12.77 -25.75
N THR B 369 -5.82 -12.39 -26.87
CA THR B 369 -5.97 -13.30 -28.00
C THR B 369 -5.84 -12.62 -29.35
N ASP B 370 -5.29 -13.33 -30.32
CA ASP B 370 -5.26 -12.87 -31.71
C ASP B 370 -6.12 -13.80 -32.57
N GLY B 371 -7.03 -14.53 -31.95
CA GLY B 371 -7.83 -15.51 -32.66
C GLY B 371 -9.16 -15.77 -31.98
N GLN B 372 -10.10 -16.38 -32.71
CA GLN B 372 -11.40 -16.72 -32.16
C GLN B 372 -11.36 -18.08 -31.49
N ASN B 373 -12.27 -18.28 -30.54
CA ASN B 373 -12.33 -19.52 -29.80
C ASN B 373 -12.51 -20.72 -30.72
N ASN B 374 -11.91 -21.84 -30.35
CA ASN B 374 -11.99 -23.06 -31.14
C ASN B 374 -13.19 -23.91 -30.73
N GLY B 375 -13.86 -23.48 -29.66
CA GLY B 375 -15.09 -24.14 -29.25
C GLY B 375 -14.93 -25.31 -28.30
N HIS B 376 -13.70 -25.71 -28.00
CA HIS B 376 -13.50 -26.84 -27.12
C HIS B 376 -14.13 -26.58 -25.75
N LYS B 377 -14.00 -25.34 -25.25
CA LYS B 377 -14.72 -24.89 -24.06
C LYS B 377 -15.44 -23.58 -24.37
N SER B 378 -16.46 -23.27 -23.57
CA SER B 378 -17.26 -22.06 -23.76
C SER B 378 -16.71 -20.85 -22.98
N PRO B 379 -16.21 -19.83 -23.69
CA PRO B 379 -15.74 -18.62 -23.00
C PRO B 379 -16.84 -17.97 -22.14
N GLU B 380 -18.06 -17.88 -22.66
CA GLU B 380 -19.18 -17.32 -21.90
C GLU B 380 -19.30 -18.00 -20.56
N HIS B 381 -19.40 -19.33 -20.61
CA HIS B 381 -19.60 -20.12 -19.40
C HIS B 381 -18.39 -20.10 -18.46
N GLU B 382 -17.18 -20.23 -18.98
CA GLU B 382 -15.98 -20.26 -18.13
C GLU B 382 -15.75 -18.89 -17.50
N SER B 383 -15.94 -17.83 -18.28
CA SER B 383 -15.90 -16.48 -17.73
C SER B 383 -17.02 -16.29 -16.69
N SER B 384 -18.21 -16.80 -16.98
CA SER B 384 -19.30 -16.63 -16.01
C SER B 384 -18.99 -17.25 -14.64
N LEU B 385 -18.51 -18.48 -14.64
CA LEU B 385 -18.10 -19.13 -13.40
C LEU B 385 -17.02 -18.33 -12.67
N LEU B 386 -16.05 -17.80 -13.42
CA LEU B 386 -14.97 -17.03 -12.80
C LEU B 386 -15.47 -15.74 -12.15
N ARG B 387 -16.37 -15.03 -12.83
CA ARG B 387 -16.90 -13.79 -12.28
C ARG B 387 -17.80 -14.03 -11.06
N LYS B 388 -18.56 -15.13 -11.05
CA LYS B 388 -19.31 -15.52 -9.87
C LYS B 388 -18.41 -15.75 -8.65
N GLU B 389 -17.11 -16.02 -8.88
CA GLU B 389 -16.16 -16.18 -7.77
C GLU B 389 -15.45 -14.87 -7.42
N GLY B 390 -15.88 -13.76 -8.03
CA GLY B 390 -15.27 -12.47 -7.77
C GLY B 390 -14.01 -12.18 -8.57
N VAL B 391 -13.74 -12.97 -9.60
CA VAL B 391 -12.62 -12.67 -10.50
C VAL B 391 -13.00 -11.54 -11.45
N VAL B 392 -12.16 -10.50 -11.53
CA VAL B 392 -12.37 -9.44 -12.49
C VAL B 392 -11.64 -9.79 -13.76
N ILE B 393 -12.33 -9.70 -14.90
CA ILE B 393 -11.73 -10.12 -16.16
C ILE B 393 -11.55 -8.97 -17.15
N VAL B 394 -10.31 -8.84 -17.62
CA VAL B 394 -9.93 -7.87 -18.64
C VAL B 394 -9.62 -8.65 -19.90
N ALA B 395 -10.13 -8.18 -21.04
CA ALA B 395 -10.01 -8.90 -22.30
C ALA B 395 -9.39 -8.03 -23.38
N ILE B 396 -8.38 -8.57 -24.05
CA ILE B 396 -7.57 -7.81 -25.01
C ILE B 396 -7.46 -8.58 -26.30
N GLY B 397 -7.86 -7.95 -27.40
CA GLY B 397 -7.64 -8.51 -28.73
C GLY B 397 -6.53 -7.77 -29.46
N VAL B 398 -5.70 -8.52 -30.15
CA VAL B 398 -4.62 -7.93 -30.92
C VAL B 398 -4.70 -8.40 -32.36
N GLY B 399 -4.80 -7.44 -33.28
CA GLY B 399 -4.81 -7.75 -34.70
C GLY B 399 -6.19 -7.88 -35.34
N THR B 400 -6.29 -8.80 -36.29
CA THR B 400 -7.45 -8.88 -37.15
C THR B 400 -8.25 -10.17 -36.95
N GLY B 401 -7.66 -11.17 -36.30
CA GLY B 401 -8.26 -12.49 -36.23
C GLY B 401 -9.10 -12.80 -35.00
N PHE B 402 -9.15 -11.89 -34.04
CA PHE B 402 -10.01 -12.10 -32.88
C PHE B 402 -11.41 -11.58 -33.18
N LEU B 403 -12.37 -11.96 -32.34
CA LEU B 403 -13.72 -11.46 -32.43
C LEU B 403 -14.06 -10.69 -31.16
N LYS B 404 -14.48 -9.45 -31.34
CA LYS B 404 -14.74 -8.56 -30.21
C LYS B 404 -15.89 -9.08 -29.34
N SER B 405 -16.82 -9.78 -29.98
CA SER B 405 -17.99 -10.32 -29.28
C SER B 405 -17.54 -11.22 -28.13
N GLU B 406 -16.51 -12.02 -28.39
CA GLU B 406 -15.99 -12.96 -27.41
C GLU B 406 -15.28 -12.22 -26.28
N LEU B 407 -14.50 -11.21 -26.66
CA LEU B 407 -13.89 -10.33 -25.67
C LEU B 407 -14.99 -9.73 -24.78
N ILE B 408 -16.07 -9.24 -25.38
CA ILE B 408 -17.15 -8.64 -24.59
C ILE B 408 -17.76 -9.69 -23.68
N ASN B 409 -17.97 -10.89 -24.22
CA ASN B 409 -18.56 -11.99 -23.45
C ASN B 409 -17.79 -12.37 -22.19
N ILE B 410 -16.47 -12.41 -22.28
CA ILE B 410 -15.66 -12.82 -21.13
C ILE B 410 -15.33 -11.71 -20.15
N ALA B 411 -15.22 -10.47 -20.62
CA ALA B 411 -14.84 -9.37 -19.73
C ALA B 411 -15.92 -9.12 -18.69
N SER B 412 -15.54 -8.54 -17.55
CA SER B 412 -16.50 -8.18 -16.51
C SER B 412 -17.32 -6.96 -16.94
N SER B 413 -16.81 -6.23 -17.94
CA SER B 413 -17.51 -5.08 -18.52
C SER B 413 -16.93 -4.79 -19.89
N GLU B 414 -17.75 -4.23 -20.79
CA GLU B 414 -17.24 -3.86 -22.11
C GLU B 414 -16.16 -2.81 -21.96
N GLU B 415 -16.22 -2.08 -20.86
CA GLU B 415 -15.22 -1.06 -20.58
C GLU B 415 -13.85 -1.68 -20.30
N TYR B 416 -13.83 -2.98 -20.01
CA TYR B 416 -12.57 -3.66 -19.71
C TYR B 416 -12.10 -4.44 -20.93
N VAL B 417 -12.64 -4.07 -22.09
CA VAL B 417 -12.27 -4.67 -23.36
C VAL B 417 -11.38 -3.72 -24.16
N PHE B 418 -10.27 -4.23 -24.65
CA PHE B 418 -9.29 -3.45 -25.38
C PHE B 418 -8.92 -4.13 -26.67
N THR B 419 -8.68 -3.36 -27.71
CA THR B 419 -8.30 -3.89 -29.01
C THR B 419 -7.21 -3.04 -29.65
N THR B 420 -6.38 -3.67 -30.46
CA THR B 420 -5.33 -2.96 -31.18
C THR B 420 -4.96 -3.74 -32.43
N SER B 421 -4.45 -3.02 -33.42
CA SER B 421 -4.24 -3.60 -34.75
C SER B 421 -2.96 -4.42 -34.82
N SER B 422 -1.99 -4.09 -33.98
CA SER B 422 -0.71 -4.81 -33.98
C SER B 422 -0.08 -4.87 -32.58
N PHE B 423 0.86 -5.80 -32.43
CA PHE B 423 1.52 -6.01 -31.15
C PHE B 423 2.42 -4.85 -30.75
N ASP B 424 2.96 -4.13 -31.73
CA ASP B 424 3.83 -2.99 -31.44
C ASP B 424 3.04 -1.75 -31.03
N LYS B 425 1.73 -1.90 -30.83
CA LYS B 425 0.89 -0.79 -30.38
C LYS B 425 0.24 -1.04 -29.02
N LEU B 426 0.69 -2.08 -28.31
CA LEU B 426 0.11 -2.40 -27.01
C LEU B 426 0.30 -1.32 -25.96
N SER B 427 1.25 -0.43 -26.19
CA SER B 427 1.54 0.66 -25.27
C SER B 427 0.35 1.64 -25.17
N LYS B 428 -0.43 1.73 -26.23
CA LYS B 428 -1.57 2.63 -26.23
C LYS B 428 -2.67 2.20 -25.26
N ILE B 429 -2.61 0.95 -24.77
CA ILE B 429 -3.61 0.46 -23.82
C ILE B 429 -3.01 0.16 -22.45
N MET B 430 -1.69 0.15 -22.36
CA MET B 430 -0.97 -0.14 -21.12
C MET B 430 -1.59 0.53 -19.88
N GLU B 431 -1.76 1.85 -19.94
CA GLU B 431 -2.16 2.60 -18.76
C GLU B 431 -3.54 2.21 -18.29
N ASP B 432 -4.45 2.04 -19.24
CA ASP B 432 -5.81 1.66 -18.92
C ASP B 432 -5.84 0.24 -18.37
N VAL B 433 -5.03 -0.63 -18.95
CA VAL B 433 -5.02 -2.03 -18.53
C VAL B 433 -4.43 -2.16 -17.13
N VAL B 434 -3.35 -1.44 -16.87
CA VAL B 434 -2.72 -1.44 -15.54
C VAL B 434 -3.70 -0.93 -14.47
N LYS B 435 -4.48 0.10 -14.82
CA LYS B 435 -5.45 0.64 -13.89
C LYS B 435 -6.47 -0.41 -13.46
N LEU B 436 -6.89 -1.26 -14.39
CA LEU B 436 -7.86 -2.31 -14.05
C LEU B 436 -7.15 -3.48 -13.39
N ALA B 437 -5.94 -3.79 -13.85
CA ALA B 437 -5.13 -4.85 -13.24
C ALA B 437 -4.89 -4.60 -11.76
N CYS B 438 -4.76 -3.33 -11.38
CA CYS B 438 -4.54 -2.97 -9.98
C CYS B 438 -5.82 -2.70 -9.23
N MET B 439 -6.96 -2.96 -9.87
CA MET B 439 -8.24 -2.73 -9.21
C MET B 439 -8.33 -3.61 -7.99
N SER B 440 -8.88 -3.04 -6.91
CA SER B 440 -9.01 -3.72 -5.63
C SER B 440 -10.36 -3.39 -5.01
N CYS B 441 -11.24 -4.38 -4.97
CA CYS B 441 -12.58 -4.18 -4.42
C CYS B 441 -12.75 -4.91 -3.10
N LYS B 442 -13.57 -4.34 -2.24
CA LYS B 442 -13.88 -4.96 -0.95
C LYS B 442 -15.35 -4.78 -0.61
N PRO B 443 -16.02 -5.90 -0.25
CA PRO B 443 -17.39 -5.79 0.27
C PRO B 443 -17.39 -5.19 1.68
N ARG B 444 -18.30 -4.26 1.93
CA ARG B 444 -18.29 -3.53 3.20
C ARG B 444 -19.64 -3.63 3.91
N ALA B 445 -20.63 -4.22 3.26
CA ALA B 445 -21.92 -4.43 3.90
C ALA B 445 -21.77 -5.45 5.02
N HIS B 446 -22.66 -5.38 6.00
CA HIS B 446 -22.65 -6.29 7.13
C HIS B 446 -24.06 -6.41 7.70
N LYS B 447 -24.39 -7.57 8.25
CA LYS B 447 -25.75 -7.83 8.73
C LYS B 447 -26.15 -6.89 9.85
S SO4 C . 6.84 23.58 -1.54
O1 SO4 C . 7.92 24.38 -2.11
O2 SO4 C . 6.69 22.35 -2.32
O3 SO4 C . 5.61 24.37 -1.60
O4 SO4 C . 7.18 23.21 -0.17
C1 EDO D . 24.21 25.18 -6.08
O1 EDO D . 23.56 23.93 -5.87
C2 EDO D . 24.12 26.01 -4.79
O2 EDO D . 22.88 25.75 -4.13
H11 EDO D . 23.72 25.73 -6.89
H12 EDO D . 25.25 25.03 -6.35
HO1 EDO D . 23.61 23.40 -6.69
H21 EDO D . 24.20 27.07 -5.03
H22 EDO D . 24.95 25.74 -4.14
HO2 EDO D . 22.84 26.27 -3.32
C1 EDO E . 28.65 -16.04 24.71
O1 EDO E . 27.77 -16.58 23.70
C2 EDO E . 27.89 -16.05 26.04
O2 EDO E . 27.09 -17.23 26.10
H11 EDO E . 28.94 -15.02 24.45
H12 EDO E . 29.55 -16.65 24.78
HO1 EDO E . 28.22 -16.58 22.86
H21 EDO E . 27.26 -15.16 26.11
H22 EDO E . 28.61 -16.03 26.86
HO2 EDO E . 26.60 -17.25 26.94
S SO4 F . 0.36 -23.36 -7.58
O1 SO4 F . 0.45 -24.14 -8.81
O2 SO4 F . -1.02 -23.09 -7.23
O3 SO4 F . 1.04 -22.07 -7.72
O4 SO4 F . 0.97 -24.12 -6.49
C1 EDO G . -33.08 10.47 10.46
O1 EDO G . -32.11 9.67 9.76
C2 EDO G . -34.05 9.58 11.23
O2 EDO G . -35.37 9.84 10.72
H11 EDO G . -32.58 11.13 11.16
H12 EDO G . -33.63 11.08 9.75
HO1 EDO G . -31.51 10.27 9.29
H21 EDO G . -34.01 9.80 12.29
H22 EDO G . -33.81 8.53 11.07
HO2 EDO G . -36.02 9.30 11.19
#